data_6NZY
#
_entry.id   6NZY
#
_cell.length_a   82.180
_cell.length_b   82.180
_cell.length_c   151.200
_cell.angle_alpha   90.000
_cell.angle_beta   90.000
_cell.angle_gamma   120.000
#
_symmetry.space_group_name_H-M   'P 32'
#
loop_
_entity.id
_entity.type
_entity.pdbx_description
1 polymer 'ATP-citrate lyase alpha-subunit'
2 non-polymer 'ACETYL COENZYME *A'
3 non-polymer 'PHOSPHATE ION'
4 non-polymer GLYCEROL
5 non-polymer 'SODIUM ION'
6 water water
#
_entity_poly.entity_id   1
_entity_poly.type   'polypeptide(L)'
_entity_poly.pdbx_seq_one_letter_code
;GEVIVEPLIRTTISDDRGEEPRYAGYAASELCSKGYGIEDVIGLLWNKKLPTREESEIIKRIVMISADHGPAVSGAFGSI
LAACAGIDMPQAVSAGMTMIGPRFGGAVTNAGKYFKMAVEDYPNDIPGFLSWMKKNVGPVPGIGHRVKSVKNPDQRVKYL
VSYIKNETSLHTPCLDYALEVEKVTTAKKGNLILNVDGTIGCILMDLDFPVHSLNGFFVLARTIGMIGHWIDQNNQNSRL
IRLYDYLINYAVKPEQEVPEKK
;
_entity_poly.pdbx_strand_id   A,B,C,D
#
loop_
_chem_comp.id
_chem_comp.type
_chem_comp.name
_chem_comp.formula
ACO non-polymer 'ACETYL COENZYME *A' 'C23 H38 N7 O17 P3 S'
GOL non-polymer GLYCEROL 'C3 H8 O3'
NA non-polymer 'SODIUM ION' 'Na 1'
PO4 non-polymer 'PHOSPHATE ION' 'O4 P -3'
#
# COMPACT_ATOMS: atom_id res chain seq x y z
N GLY A 1 9.76 25.89 -31.36
CA GLY A 1 10.89 25.14 -30.86
C GLY A 1 10.66 23.65 -30.81
N GLU A 2 11.62 22.91 -30.27
CA GLU A 2 11.51 21.47 -30.12
C GLU A 2 12.03 21.08 -28.74
N VAL A 3 11.49 19.98 -28.20
CA VAL A 3 11.81 19.56 -26.84
C VAL A 3 13.19 18.93 -26.82
N ILE A 4 14.02 19.37 -25.88
CA ILE A 4 15.31 18.76 -25.59
C ILE A 4 15.13 17.81 -24.42
N VAL A 5 15.37 16.52 -24.66
CA VAL A 5 15.02 15.48 -23.71
C VAL A 5 16.23 15.17 -22.82
N GLU A 6 16.00 15.19 -21.51
CA GLU A 6 16.96 14.68 -20.53
C GLU A 6 16.30 13.53 -19.76
N PRO A 7 17.00 12.41 -19.56
CA PRO A 7 16.32 11.25 -18.96
C PRO A 7 15.70 11.57 -17.61
N LEU A 8 14.54 10.98 -17.37
CA LEU A 8 13.83 11.16 -16.10
C LEU A 8 14.44 10.30 -15.00
N ILE A 9 14.88 9.08 -15.35
CA ILE A 9 15.45 8.15 -14.40
C ILE A 9 16.66 7.46 -15.01
N ARG A 10 17.49 6.88 -14.14
CA ARG A 10 18.67 6.12 -14.54
C ARG A 10 18.58 4.76 -13.87
N THR A 11 18.79 3.71 -14.64
CA THR A 11 18.81 2.34 -14.11
C THR A 11 20.13 1.69 -14.48
N THR A 12 20.63 0.81 -13.59
CA THR A 12 21.83 0.06 -13.89
C THR A 12 21.65 -1.45 -13.83
N ILE A 13 20.51 -1.96 -13.36
CA ILE A 13 20.42 -3.37 -13.04
C ILE A 13 19.75 -4.23 -14.11
N SER A 14 18.91 -3.63 -14.94
CA SER A 14 18.15 -4.47 -15.87
C SER A 14 17.74 -3.68 -17.10
N ASP A 15 17.44 -4.42 -18.16
CA ASP A 15 17.18 -3.84 -19.48
C ASP A 15 16.30 -4.84 -20.22
N ASP A 16 15.18 -4.38 -20.79
CA ASP A 16 14.30 -5.25 -21.55
C ASP A 16 14.21 -4.85 -23.02
N ARG A 17 15.12 -4.01 -23.49
CA ARG A 17 15.09 -3.55 -24.87
C ARG A 17 15.67 -4.57 -25.84
N GLY A 18 16.45 -5.53 -25.34
CA GLY A 18 17.05 -6.54 -26.17
C GLY A 18 16.09 -7.69 -26.42
N GLU A 19 16.65 -8.85 -26.76
CA GLU A 19 15.84 -10.02 -27.11
C GLU A 19 15.04 -10.54 -25.92
N GLU A 20 15.57 -10.44 -24.72
CA GLU A 20 14.83 -10.75 -23.52
C GLU A 20 15.39 -9.90 -22.40
N PRO A 21 14.69 -9.81 -21.26
CA PRO A 21 15.24 -9.02 -20.17
C PRO A 21 16.63 -9.50 -19.79
N ARG A 22 17.48 -8.56 -19.45
CA ARG A 22 18.84 -8.85 -19.03
C ARG A 22 18.98 -8.39 -17.59
N TYR A 23 19.40 -9.31 -16.73
CA TYR A 23 19.64 -9.04 -15.31
C TYR A 23 21.14 -8.87 -15.13
N ALA A 24 21.58 -7.66 -14.88
CA ALA A 24 23.02 -7.42 -14.75
C ALA A 24 23.77 -8.02 -15.92
N GLY A 25 23.17 -7.93 -17.12
CA GLY A 25 23.80 -8.39 -18.33
C GLY A 25 23.51 -9.80 -18.76
N TYR A 26 22.83 -10.61 -17.93
CA TYR A 26 22.58 -12.01 -18.23
C TYR A 26 21.11 -12.24 -18.57
N ALA A 27 20.89 -13.08 -19.59
CA ALA A 27 19.55 -13.45 -19.98
C ALA A 27 19.00 -14.55 -19.07
N ALA A 28 17.74 -14.38 -18.65
CA ALA A 28 17.14 -15.35 -17.74
C ALA A 28 17.04 -16.72 -18.37
N SER A 29 16.67 -16.79 -19.66
CA SER A 29 16.53 -18.11 -20.31
C SER A 29 17.85 -18.87 -20.30
N GLU A 30 18.96 -18.14 -20.45
CA GLU A 30 20.28 -18.77 -20.44
C GLU A 30 20.66 -19.18 -19.02
N LEU A 31 20.32 -18.33 -18.04
CA LEU A 31 20.49 -18.72 -16.64
C LEU A 31 19.73 -20.01 -16.34
N CYS A 32 18.49 -20.11 -16.82
CA CYS A 32 17.70 -21.32 -16.63
C CYS A 32 18.40 -22.53 -17.28
N SER A 33 18.81 -22.38 -18.55
CA SER A 33 19.33 -23.51 -19.29
C SER A 33 20.66 -24.03 -18.75
N LYS A 34 21.42 -23.20 -18.04
CA LYS A 34 22.72 -23.62 -17.50
C LYS A 34 22.64 -24.00 -16.02
N GLY A 35 21.44 -24.14 -15.48
CA GLY A 35 21.28 -24.72 -14.15
C GLY A 35 21.23 -23.74 -13.00
N TYR A 36 21.18 -22.44 -13.26
CA TYR A 36 21.13 -21.47 -12.19
C TYR A 36 19.72 -21.41 -11.60
N GLY A 37 19.60 -20.73 -10.46
CA GLY A 37 18.34 -20.73 -9.76
C GLY A 37 17.85 -19.36 -9.35
N ILE A 38 16.76 -19.35 -8.56
CA ILE A 38 16.19 -18.11 -8.06
C ILE A 38 17.23 -17.31 -7.28
N GLU A 39 18.03 -18.00 -6.45
CA GLU A 39 19.03 -17.31 -5.64
C GLU A 39 20.06 -16.59 -6.50
N ASP A 40 20.36 -17.13 -7.68
CA ASP A 40 21.30 -16.44 -8.57
C ASP A 40 20.68 -15.19 -9.16
N VAL A 41 19.39 -15.23 -9.49
CA VAL A 41 18.72 -14.03 -9.97
C VAL A 41 18.64 -12.98 -8.88
N ILE A 42 18.47 -13.41 -7.63
CA ILE A 42 18.51 -12.46 -6.52
C ILE A 42 19.88 -11.76 -6.48
N GLY A 43 20.96 -12.53 -6.60
CA GLY A 43 22.28 -11.92 -6.59
C GLY A 43 22.49 -10.93 -7.71
N LEU A 44 22.00 -11.25 -8.90
CA LEU A 44 22.19 -10.36 -10.04
C LEU A 44 21.42 -9.06 -9.86
N LEU A 45 20.15 -9.14 -9.50
CA LEU A 45 19.30 -7.96 -9.45
C LEU A 45 19.53 -7.09 -8.22
N TRP A 46 20.03 -7.65 -7.12
CA TRP A 46 20.28 -6.87 -5.91
C TRP A 46 21.73 -6.46 -5.75
N ASN A 47 22.65 -7.16 -6.41
CA ASN A 47 24.07 -6.92 -6.20
C ASN A 47 24.85 -6.87 -7.50
N LYS A 48 24.20 -7.08 -8.65
CA LYS A 48 24.83 -7.04 -9.95
C LYS A 48 26.02 -8.01 -10.05
N LYS A 49 25.94 -9.12 -9.32
CA LYS A 49 27.00 -10.12 -9.34
C LYS A 49 26.40 -11.52 -9.27
N LEU A 50 26.88 -12.41 -10.12
CA LEU A 50 26.51 -13.81 -10.05
C LEU A 50 27.11 -14.43 -8.80
N PRO A 51 26.30 -15.01 -7.91
CA PRO A 51 26.89 -15.64 -6.71
C PRO A 51 27.72 -16.86 -7.09
N THR A 52 28.72 -17.16 -6.24
CA THR A 52 29.35 -18.46 -6.30
C THR A 52 28.36 -19.52 -5.84
N ARG A 53 28.71 -20.79 -6.07
CA ARG A 53 27.80 -21.86 -5.68
C ARG A 53 27.55 -21.85 -4.17
N GLU A 54 28.59 -21.62 -3.37
CA GLU A 54 28.41 -21.60 -1.92
C GLU A 54 27.60 -20.39 -1.47
N GLU A 55 27.84 -19.22 -2.07
CA GLU A 55 27.02 -18.05 -1.74
C GLU A 55 25.56 -18.30 -2.09
N SER A 56 25.33 -18.93 -3.25
CA SER A 56 23.97 -19.26 -3.68
C SER A 56 23.30 -20.23 -2.71
N GLU A 57 24.04 -21.24 -2.22
CA GLU A 57 23.44 -22.18 -1.27
C GLU A 57 23.05 -21.49 0.04
N ILE A 58 23.81 -20.48 0.45
CA ILE A 58 23.48 -19.77 1.67
C ILE A 58 22.27 -18.88 1.46
N ILE A 59 22.21 -18.18 0.33
CA ILE A 59 21.05 -17.35 0.00
C ILE A 59 19.78 -18.19 -0.03
N LYS A 60 19.84 -19.36 -0.66
CA LYS A 60 18.70 -20.27 -0.71
C LYS A 60 18.18 -20.57 0.69
N ARG A 61 19.07 -20.92 1.60
CA ARG A 61 18.67 -21.34 2.94
C ARG A 61 18.13 -20.17 3.74
N ILE A 62 18.69 -18.98 3.55
CA ILE A 62 18.18 -17.80 4.23
C ILE A 62 16.74 -17.52 3.82
N VAL A 63 16.46 -17.63 2.52
CA VAL A 63 15.12 -17.36 2.03
C VAL A 63 14.14 -18.40 2.52
N MET A 64 14.53 -19.67 2.48
CA MET A 64 13.66 -20.75 2.96
C MET A 64 13.34 -20.56 4.44
N ILE A 65 14.35 -20.25 5.25
CA ILE A 65 14.16 -20.11 6.69
C ILE A 65 13.28 -18.89 7.01
N SER A 66 13.31 -17.86 6.19
CA SER A 66 12.63 -16.61 6.45
C SER A 66 11.25 -16.51 5.81
N ALA A 67 10.78 -17.59 5.15
CA ALA A 67 9.60 -17.51 4.29
C ALA A 67 8.32 -17.21 5.07
N ASP A 68 8.18 -17.72 6.30
CA ASP A 68 6.97 -17.46 7.06
C ASP A 68 7.21 -17.75 8.54
N HIS A 69 6.41 -17.09 9.38
CA HIS A 69 6.51 -17.29 10.83
C HIS A 69 5.12 -17.46 11.45
N GLY A 70 4.18 -17.96 10.66
CA GLY A 70 2.85 -18.20 11.17
C GLY A 70 1.95 -17.02 10.96
N PRO A 71 0.65 -17.22 11.20
CA PRO A 71 -0.35 -16.19 10.88
C PRO A 71 -0.49 -15.08 11.90
N ALA A 72 0.17 -15.17 13.05
CA ALA A 72 -0.08 -14.24 14.15
C ALA A 72 0.74 -12.94 14.02
N VAL A 73 1.82 -12.97 13.26
CA VAL A 73 2.70 -11.81 13.18
C VAL A 73 2.16 -10.82 12.15
N SER A 74 2.63 -9.59 12.24
CA SER A 74 1.95 -8.44 11.62
C SER A 74 1.88 -8.55 10.10
N GLY A 75 2.94 -9.02 9.44
CA GLY A 75 2.92 -9.10 8.00
C GLY A 75 1.91 -10.11 7.49
N ALA A 76 1.98 -11.33 8.01
CA ALA A 76 1.00 -12.34 7.65
C ALA A 76 -0.41 -11.90 8.02
N PHE A 77 -0.58 -11.33 9.21
CA PHE A 77 -1.91 -10.98 9.67
C PHE A 77 -2.50 -9.85 8.84
N GLY A 78 -1.67 -8.88 8.43
CA GLY A 78 -2.16 -7.85 7.53
C GLY A 78 -2.65 -8.42 6.21
N SER A 79 -1.89 -9.35 5.63
CA SER A 79 -2.36 -10.02 4.40
C SER A 79 -3.65 -10.80 4.64
N ILE A 80 -3.80 -11.39 5.82
CA ILE A 80 -5.01 -12.13 6.16
C ILE A 80 -6.20 -11.19 6.31
N LEU A 81 -6.00 -10.06 6.98
CA LEU A 81 -7.06 -9.04 7.11
C LEU A 81 -7.57 -8.62 5.75
N ALA A 82 -6.64 -8.30 4.83
CA ALA A 82 -7.05 -7.88 3.49
C ALA A 82 -7.70 -9.03 2.72
N ALA A 83 -7.18 -10.25 2.85
CA ALA A 83 -7.83 -11.39 2.18
C ALA A 83 -9.27 -11.58 2.64
N CYS A 84 -9.50 -11.50 3.96
CA CYS A 84 -10.84 -11.67 4.52
C CYS A 84 -11.74 -10.49 4.20
N ALA A 85 -11.16 -9.35 3.83
CA ALA A 85 -11.93 -8.21 3.34
C ALA A 85 -12.20 -8.33 1.84
N GLY A 86 -11.81 -9.43 1.20
CA GLY A 86 -12.12 -9.64 -0.20
C GLY A 86 -11.18 -8.97 -1.16
N ILE A 87 -9.99 -8.52 -0.69
CA ILE A 87 -9.02 -7.82 -1.52
C ILE A 87 -8.21 -8.83 -2.32
N ASP A 88 -7.90 -8.51 -3.57
CA ASP A 88 -7.13 -9.41 -4.42
C ASP A 88 -5.70 -9.57 -3.92
N MET A 89 -5.04 -10.62 -4.39
CA MET A 89 -3.77 -11.03 -3.81
C MET A 89 -2.68 -9.95 -3.83
N PRO A 90 -2.38 -9.30 -4.95
CA PRO A 90 -1.24 -8.36 -4.92
C PRO A 90 -1.45 -7.21 -3.93
N GLN A 91 -2.66 -6.68 -3.87
CA GLN A 91 -2.94 -5.56 -2.98
C GLN A 91 -2.96 -6.02 -1.52
N ALA A 92 -3.49 -7.22 -1.27
CA ALA A 92 -3.50 -7.78 0.09
C ALA A 92 -2.08 -8.01 0.61
N VAL A 93 -1.23 -8.60 -0.22
CA VAL A 93 0.16 -8.81 0.16
C VAL A 93 0.85 -7.48 0.35
N SER A 94 0.49 -6.46 -0.44
CA SER A 94 1.11 -5.17 -0.26
C SER A 94 0.79 -4.59 1.11
N ALA A 95 -0.40 -4.87 1.64
CA ALA A 95 -0.75 -4.37 2.96
C ALA A 95 0.08 -5.04 4.05
N GLY A 96 0.30 -6.36 3.96
CA GLY A 96 1.17 -7.02 4.90
C GLY A 96 2.62 -6.59 4.77
N MET A 97 3.09 -6.41 3.53
CA MET A 97 4.45 -5.94 3.33
C MET A 97 4.68 -4.57 3.94
N THR A 98 3.64 -3.71 3.97
CA THR A 98 3.77 -2.38 4.58
C THR A 98 4.14 -2.45 6.05
N MET A 99 3.88 -3.59 6.71
CA MET A 99 4.21 -3.72 8.14
C MET A 99 5.70 -3.91 8.37
N ILE A 100 6.45 -4.26 7.32
CA ILE A 100 7.87 -4.60 7.49
C ILE A 100 8.66 -3.31 7.62
N GLY A 101 9.48 -3.23 8.65
CA GLY A 101 10.20 -2.02 8.92
C GLY A 101 11.03 -2.14 10.18
N PRO A 102 11.14 -1.04 10.93
CA PRO A 102 12.09 -1.04 12.06
C PRO A 102 11.76 -2.05 13.15
N ARG A 103 10.48 -2.42 13.32
CA ARG A 103 10.11 -3.34 14.38
C ARG A 103 9.83 -4.75 13.89
N PHE A 104 9.35 -4.90 12.69
CA PHE A 104 8.97 -6.21 12.13
C PHE A 104 9.95 -6.47 11.01
N GLY A 105 10.96 -7.32 11.28
CA GLY A 105 12.04 -7.56 10.35
C GLY A 105 13.29 -6.74 10.61
N GLY A 106 13.18 -5.62 11.35
CA GLY A 106 14.30 -4.72 11.50
C GLY A 106 15.50 -5.29 12.22
N ALA A 107 15.31 -6.35 13.03
CA ALA A 107 16.41 -6.91 13.80
C ALA A 107 17.50 -7.48 12.91
N VAL A 108 17.13 -7.98 11.73
CA VAL A 108 18.12 -8.50 10.80
C VAL A 108 19.07 -7.38 10.36
N THR A 109 18.52 -6.28 9.89
CA THR A 109 19.34 -5.15 9.46
C THR A 109 20.14 -4.56 10.62
N ASN A 110 19.51 -4.40 11.79
CA ASN A 110 20.22 -3.79 12.91
C ASN A 110 21.36 -4.69 13.38
N ALA A 111 21.13 -6.00 13.44
CA ALA A 111 22.21 -6.93 13.82
C ALA A 111 23.39 -6.83 12.85
N GLY A 112 23.09 -6.83 11.54
CA GLY A 112 24.17 -6.71 10.57
C GLY A 112 24.92 -5.41 10.71
N LYS A 113 24.20 -4.31 10.94
CA LYS A 113 24.83 -3.01 11.04
C LYS A 113 25.77 -2.93 12.25
N TYR A 114 25.30 -3.37 13.42
CA TYR A 114 26.09 -3.18 14.65
C TYR A 114 27.17 -4.22 14.82
N PHE A 115 26.99 -5.43 14.31
CA PHE A 115 28.05 -6.42 14.41
C PHE A 115 29.16 -6.15 13.40
N LYS A 116 28.86 -5.51 12.27
CA LYS A 116 29.95 -5.05 11.41
C LYS A 116 30.68 -3.89 12.06
N MET A 117 29.93 -2.95 12.65
CA MET A 117 30.58 -1.86 13.38
C MET A 117 31.45 -2.39 14.50
N ALA A 118 31.06 -3.51 15.12
CA ALA A 118 31.90 -4.13 16.13
C ALA A 118 33.16 -4.71 15.52
N VAL A 119 33.05 -5.30 14.33
CA VAL A 119 34.22 -5.87 13.67
C VAL A 119 35.22 -4.78 13.30
N GLU A 120 34.73 -3.58 12.97
CA GLU A 120 35.60 -2.50 12.52
C GLU A 120 36.06 -1.58 13.64
N ASP A 121 35.24 -1.41 14.68
CA ASP A 121 35.55 -0.51 15.77
C ASP A 121 35.96 -1.22 17.06
N TYR A 122 35.64 -2.50 17.21
CA TYR A 122 36.04 -3.26 18.38
C TYR A 122 36.56 -4.63 17.98
N PRO A 123 37.54 -4.71 17.07
CA PRO A 123 37.95 -6.04 16.56
C PRO A 123 38.26 -7.06 17.66
N ASN A 124 38.94 -6.66 18.71
CA ASN A 124 39.28 -7.56 19.82
C ASN A 124 38.92 -6.92 21.16
N ASP A 125 37.79 -6.19 21.19
CA ASP A 125 37.33 -5.50 22.39
C ASP A 125 35.81 -5.71 22.54
N ILE A 126 35.42 -6.97 22.79
CA ILE A 126 34.01 -7.27 23.00
C ILE A 126 33.44 -6.48 24.16
N PRO A 127 34.11 -6.35 25.31
CA PRO A 127 33.55 -5.55 26.40
C PRO A 127 33.31 -4.09 26.02
N GLY A 128 34.22 -3.49 25.25
CA GLY A 128 34.00 -2.14 24.78
C GLY A 128 32.78 -2.03 23.89
N PHE A 129 32.57 -3.02 23.02
CA PHE A 129 31.40 -3.02 22.15
C PHE A 129 30.12 -3.08 22.99
N LEU A 130 30.06 -4.04 23.93
CA LEU A 130 28.87 -4.16 24.76
C LEU A 130 28.62 -2.89 25.56
N SER A 131 29.69 -2.22 26.01
CA SER A 131 29.53 -0.99 26.77
C SER A 131 28.94 0.12 25.91
N TRP A 132 29.43 0.28 24.68
CA TRP A 132 28.88 1.30 23.80
C TRP A 132 27.42 1.00 23.47
N MET A 133 27.08 -0.26 23.25
CA MET A 133 25.70 -0.61 22.91
C MET A 133 24.76 -0.25 24.05
N LYS A 134 25.16 -0.53 25.29
CA LYS A 134 24.29 -0.23 26.43
C LYS A 134 24.03 1.26 26.54
N LYS A 135 25.01 2.08 26.16
CA LYS A 135 24.87 3.53 26.28
C LYS A 135 24.01 4.12 25.17
N ASN A 136 24.22 3.67 23.92
CA ASN A 136 23.64 4.33 22.76
C ASN A 136 22.50 3.56 22.11
N VAL A 137 22.34 2.27 22.42
CA VAL A 137 21.31 1.47 21.76
C VAL A 137 20.46 0.78 22.82
N GLY A 138 21.10 0.14 23.79
CA GLY A 138 20.39 -0.66 24.75
C GLY A 138 20.69 -2.12 24.52
N PRO A 139 19.66 -2.96 24.40
CA PRO A 139 19.91 -4.36 24.07
C PRO A 139 20.62 -4.48 22.73
N VAL A 140 21.46 -5.51 22.62
CA VAL A 140 22.21 -5.77 21.38
C VAL A 140 21.28 -6.46 20.41
N PRO A 141 20.98 -5.87 19.24
CA PRO A 141 20.15 -6.57 18.25
C PRO A 141 20.79 -7.87 17.80
N GLY A 142 19.97 -8.91 17.68
CA GLY A 142 20.46 -10.23 17.34
C GLY A 142 20.85 -11.09 18.52
N ILE A 143 20.87 -10.53 19.73
CA ILE A 143 21.16 -11.27 20.94
C ILE A 143 19.90 -11.31 21.80
N GLY A 144 19.57 -12.47 22.32
CA GLY A 144 18.45 -12.60 23.24
C GLY A 144 17.27 -13.34 22.65
N HIS A 145 16.60 -14.12 23.49
CA HIS A 145 15.38 -14.82 23.12
C HIS A 145 14.56 -15.02 24.38
N ARG A 146 13.25 -14.82 24.26
CA ARG A 146 12.38 -14.89 25.44
C ARG A 146 12.15 -16.31 25.91
N VAL A 147 12.29 -17.32 25.04
CA VAL A 147 12.01 -18.70 25.38
C VAL A 147 13.24 -19.58 25.28
N LYS A 148 14.03 -19.42 24.23
CA LYS A 148 15.22 -20.23 24.00
C LYS A 148 16.39 -19.71 24.83
N SER A 149 17.33 -20.60 25.11
CA SER A 149 18.48 -20.29 25.95
C SER A 149 19.63 -21.23 25.60
N VAL A 150 20.72 -21.15 26.37
CA VAL A 150 21.86 -22.02 26.14
C VAL A 150 21.47 -23.48 26.28
N LYS A 151 20.49 -23.77 27.12
CA LYS A 151 20.00 -25.14 27.28
C LYS A 151 18.98 -25.53 26.22
N ASN A 152 18.38 -24.55 25.54
CA ASN A 152 17.36 -24.81 24.52
C ASN A 152 17.60 -23.87 23.34
N PRO A 153 18.71 -24.06 22.62
CA PRO A 153 19.09 -23.10 21.58
C PRO A 153 18.18 -23.21 20.35
N ASP A 154 18.29 -22.21 19.50
CA ASP A 154 17.50 -22.17 18.27
C ASP A 154 18.15 -23.13 17.27
N GLN A 155 17.40 -24.14 16.84
CA GLN A 155 17.96 -25.13 15.93
C GLN A 155 18.32 -24.53 14.58
N ARG A 156 17.61 -23.47 14.18
CA ARG A 156 17.91 -22.85 12.90
C ARG A 156 19.27 -22.13 12.95
N VAL A 157 19.60 -21.54 14.10
CA VAL A 157 20.91 -20.94 14.28
C VAL A 157 21.98 -22.01 14.27
N LYS A 158 21.78 -23.08 15.03
CA LYS A 158 22.71 -24.21 15.01
C LYS A 158 22.91 -24.72 13.59
N TYR A 159 21.83 -24.91 12.85
CA TYR A 159 21.96 -25.45 11.49
C TYR A 159 22.75 -24.49 10.60
N LEU A 160 22.38 -23.21 10.60
CA LEU A 160 23.02 -22.24 9.72
C LEU A 160 24.51 -22.12 10.02
N VAL A 161 24.87 -22.01 11.31
CA VAL A 161 26.28 -21.90 11.67
C VAL A 161 27.02 -23.18 11.27
N SER A 162 26.41 -24.34 11.52
CA SER A 162 27.05 -25.60 11.17
C SER A 162 27.24 -25.72 9.66
N TYR A 163 26.21 -25.37 8.89
CA TYR A 163 26.32 -25.50 7.44
C TYR A 163 27.44 -24.62 6.89
N ILE A 164 27.50 -23.37 7.36
CA ILE A 164 28.51 -22.45 6.84
C ILE A 164 29.91 -22.95 7.16
N LYS A 165 30.13 -23.41 8.39
CA LYS A 165 31.48 -23.77 8.81
C LYS A 165 31.88 -25.14 8.32
N ASN A 166 30.94 -26.05 8.11
CA ASN A 166 31.28 -27.41 7.70
C ASN A 166 31.04 -27.69 6.22
N GLU A 167 30.14 -26.96 5.57
CA GLU A 167 29.79 -27.25 4.19
C GLU A 167 30.22 -26.16 3.22
N THR A 168 30.83 -25.09 3.70
CA THR A 168 31.34 -24.03 2.82
C THR A 168 32.71 -23.56 3.33
N SER A 169 33.37 -22.77 2.50
CA SER A 169 34.64 -22.14 2.84
C SER A 169 34.49 -20.65 3.13
N LEU A 170 33.27 -20.16 3.29
CA LEU A 170 33.06 -18.73 3.48
C LEU A 170 33.72 -18.26 4.76
N HIS A 171 34.38 -17.10 4.68
CA HIS A 171 34.90 -16.39 5.84
C HIS A 171 33.80 -15.48 6.35
N THR A 172 33.43 -15.62 7.62
CA THR A 172 32.29 -14.92 8.20
C THR A 172 32.74 -14.14 9.43
N PRO A 173 33.47 -13.03 9.24
CA PRO A 173 33.92 -12.25 10.41
C PRO A 173 32.77 -11.74 11.28
N CYS A 174 31.69 -11.23 10.68
CA CYS A 174 30.58 -10.73 11.50
C CYS A 174 29.96 -11.86 12.30
N LEU A 175 29.69 -12.99 11.65
CA LEU A 175 29.12 -14.13 12.37
C LEU A 175 30.06 -14.60 13.46
N ASP A 176 31.36 -14.66 13.18
CA ASP A 176 32.33 -15.07 14.19
C ASP A 176 32.30 -14.13 15.38
N TYR A 177 32.23 -12.82 15.13
CA TYR A 177 32.17 -11.86 16.23
C TYR A 177 30.93 -12.10 17.08
N ALA A 178 29.77 -12.29 16.44
CA ALA A 178 28.55 -12.51 17.18
C ALA A 178 28.63 -13.78 18.03
N LEU A 179 29.26 -14.83 17.48
CA LEU A 179 29.38 -16.08 18.23
C LEU A 179 30.25 -15.89 19.47
N GLU A 180 31.27 -15.04 19.41
CA GLU A 180 32.06 -14.72 20.60
C GLU A 180 31.25 -13.86 21.56
N VAL A 181 30.51 -12.88 21.04
CA VAL A 181 29.64 -12.08 21.89
C VAL A 181 28.64 -12.97 22.63
N GLU A 182 28.09 -13.96 21.93
CA GLU A 182 27.16 -14.89 22.57
C GLU A 182 27.78 -15.54 23.81
N LYS A 183 29.06 -15.89 23.73
CA LYS A 183 29.73 -16.51 24.88
C LYS A 183 29.73 -15.57 26.09
N VAL A 184 29.95 -14.28 25.86
CA VAL A 184 29.98 -13.32 26.97
C VAL A 184 28.56 -13.08 27.48
N THR A 185 27.62 -12.84 26.57
CA THR A 185 26.26 -12.48 26.99
C THR A 185 25.56 -13.64 27.67
N THR A 186 25.74 -14.86 27.15
CA THR A 186 25.11 -16.01 27.79
C THR A 186 25.66 -16.25 29.20
N ALA A 187 26.89 -15.80 29.47
CA ALA A 187 27.41 -15.87 30.84
C ALA A 187 26.63 -14.94 31.76
N LYS A 188 26.20 -13.78 31.26
CA LYS A 188 25.42 -12.85 32.06
C LYS A 188 24.03 -13.42 32.33
N LYS A 189 23.41 -14.02 31.31
CA LYS A 189 22.02 -14.46 31.39
C LYS A 189 21.80 -15.52 30.32
N GLY A 190 21.23 -16.66 30.73
CA GLY A 190 21.19 -17.82 29.85
C GLY A 190 20.43 -17.61 28.55
N ASN A 191 19.48 -16.69 28.54
CA ASN A 191 18.65 -16.49 27.36
C ASN A 191 19.22 -15.45 26.41
N LEU A 192 20.42 -14.94 26.66
CA LEU A 192 21.06 -13.98 25.76
C LEU A 192 21.87 -14.70 24.68
N ILE A 193 21.16 -15.57 23.97
CA ILE A 193 21.75 -16.37 22.90
C ILE A 193 21.76 -15.55 21.61
N LEU A 194 22.56 -16.01 20.63
CA LEU A 194 22.44 -15.50 19.26
C LEU A 194 21.15 -16.02 18.64
N ASN A 195 20.25 -15.12 18.25
CA ASN A 195 18.98 -15.53 17.66
C ASN A 195 19.09 -15.52 16.13
N VAL A 196 18.01 -16.00 15.49
CA VAL A 196 18.06 -16.24 14.06
C VAL A 196 18.21 -14.93 13.30
N ASP A 197 17.64 -13.83 13.82
CA ASP A 197 17.77 -12.54 13.16
C ASP A 197 19.22 -12.07 13.16
N GLY A 198 19.91 -12.24 14.28
CA GLY A 198 21.31 -11.87 14.34
C GLY A 198 22.18 -12.76 13.47
N THR A 199 21.86 -14.06 13.41
CA THR A 199 22.62 -14.97 12.56
C THR A 199 22.51 -14.60 11.10
N ILE A 200 21.26 -14.38 10.63
CA ILE A 200 21.06 -14.03 9.22
C ILE A 200 21.65 -12.66 8.92
N GLY A 201 21.45 -11.69 9.82
CA GLY A 201 22.01 -10.37 9.58
C GLY A 201 23.52 -10.42 9.42
N CYS A 202 24.20 -11.20 10.26
CA CYS A 202 25.65 -11.30 10.17
C CYS A 202 26.11 -12.02 8.91
N ILE A 203 25.44 -13.12 8.56
CA ILE A 203 25.82 -13.87 7.36
C ILE A 203 25.66 -12.99 6.12
N LEU A 204 24.55 -12.24 6.04
CA LEU A 204 24.34 -11.39 4.87
C LEU A 204 25.40 -10.31 4.77
N MET A 205 25.81 -9.73 5.90
CA MET A 205 26.93 -8.78 5.87
C MET A 205 28.21 -9.47 5.42
N ASP A 206 28.43 -10.70 5.84
CA ASP A 206 29.64 -11.42 5.43
C ASP A 206 29.61 -11.80 3.96
N LEU A 207 28.42 -11.85 3.34
CA LEU A 207 28.29 -12.10 1.92
C LEU A 207 28.53 -10.86 1.08
N ASP A 208 28.86 -9.74 1.71
CA ASP A 208 29.18 -8.50 1.00
C ASP A 208 27.95 -7.91 0.31
N PHE A 209 26.76 -8.11 0.88
CA PHE A 209 25.61 -7.36 0.40
C PHE A 209 25.59 -6.00 1.07
N PRO A 210 25.19 -4.94 0.36
CA PRO A 210 25.06 -3.63 0.98
C PRO A 210 24.12 -3.67 2.18
N VAL A 211 24.40 -2.81 3.16
CA VAL A 211 23.60 -2.80 4.38
C VAL A 211 22.13 -2.54 4.04
N HIS A 212 21.87 -1.64 3.09
CA HIS A 212 20.49 -1.30 2.78
C HIS A 212 19.81 -2.33 1.89
N SER A 213 20.52 -3.38 1.47
CA SER A 213 19.88 -4.48 0.75
C SER A 213 19.46 -5.61 1.69
N LEU A 214 19.94 -5.60 2.93
CA LEU A 214 19.70 -6.74 3.82
C LEU A 214 18.22 -6.98 4.03
N ASN A 215 17.43 -5.91 4.14
CA ASN A 215 15.98 -6.04 4.33
C ASN A 215 15.33 -6.76 3.15
N GLY A 216 15.96 -6.75 1.98
CA GLY A 216 15.36 -7.40 0.82
C GLY A 216 15.12 -8.89 1.05
N PHE A 217 16.01 -9.55 1.78
CA PHE A 217 15.85 -10.99 2.01
C PHE A 217 14.61 -11.28 2.83
N PHE A 218 14.35 -10.47 3.87
CA PHE A 218 13.15 -10.62 4.67
C PHE A 218 11.90 -10.27 3.87
N VAL A 219 11.93 -9.15 3.13
CA VAL A 219 10.77 -8.74 2.35
C VAL A 219 10.42 -9.82 1.33
N LEU A 220 11.41 -10.30 0.57
CA LEU A 220 11.12 -11.29 -0.47
C LEU A 220 10.62 -12.59 0.16
N ALA A 221 11.35 -13.09 1.16
CA ALA A 221 11.00 -14.37 1.77
C ALA A 221 9.59 -14.33 2.36
N ARG A 222 9.29 -13.28 3.14
CA ARG A 222 7.98 -13.23 3.75
C ARG A 222 6.86 -13.00 2.75
N THR A 223 7.18 -12.49 1.55
CA THR A 223 6.17 -12.43 0.49
C THR A 223 5.68 -13.83 0.13
N ILE A 224 6.56 -14.83 0.21
CA ILE A 224 6.15 -16.21 -0.03
C ILE A 224 5.06 -16.60 0.97
N GLY A 225 5.31 -16.36 2.26
CA GLY A 225 4.32 -16.68 3.25
C GLY A 225 3.05 -15.86 3.13
N MET A 226 3.18 -14.56 2.85
CA MET A 226 2.00 -13.72 2.76
C MET A 226 1.11 -14.13 1.59
N ILE A 227 1.72 -14.52 0.47
CA ILE A 227 0.95 -15.10 -0.63
C ILE A 227 0.24 -16.36 -0.17
N GLY A 228 0.97 -17.23 0.55
CA GLY A 228 0.37 -18.46 1.05
C GLY A 228 -0.83 -18.20 1.94
N HIS A 229 -0.72 -17.23 2.84
CA HIS A 229 -1.85 -16.94 3.72
C HIS A 229 -3.05 -16.38 2.95
N TRP A 230 -2.78 -15.54 1.95
CA TRP A 230 -3.89 -15.06 1.11
C TRP A 230 -4.60 -16.23 0.44
N ILE A 231 -3.83 -17.16 -0.14
CA ILE A 231 -4.42 -18.33 -0.77
C ILE A 231 -5.19 -19.15 0.23
N ASP A 232 -4.62 -19.35 1.42
CA ASP A 232 -5.24 -20.15 2.47
C ASP A 232 -6.61 -19.58 2.87
N GLN A 233 -6.69 -18.28 3.09
CA GLN A 233 -7.96 -17.65 3.46
C GLN A 233 -8.98 -17.73 2.34
N ASN A 234 -8.54 -17.63 1.08
CA ASN A 234 -9.45 -17.75 -0.03
C ASN A 234 -9.92 -19.20 -0.23
N ASN A 235 -9.08 -20.18 0.09
CA ASN A 235 -9.51 -21.58 0.05
C ASN A 235 -10.60 -21.87 1.08
N GLN A 236 -10.58 -21.17 2.21
CA GLN A 236 -11.54 -21.39 3.28
C GLN A 236 -12.80 -20.56 3.15
N ASN A 237 -12.82 -19.57 2.26
CA ASN A 237 -13.94 -18.63 2.19
C ASN A 237 -14.16 -17.94 3.54
N SER A 238 -13.07 -17.43 4.10
CA SER A 238 -13.12 -16.71 5.37
C SER A 238 -13.97 -15.46 5.26
N ARG A 239 -14.46 -14.98 6.41
CA ARG A 239 -15.35 -13.84 6.48
C ARG A 239 -14.59 -12.60 6.92
N LEU A 240 -15.20 -11.44 6.70
CA LEU A 240 -14.62 -10.17 7.11
C LEU A 240 -14.32 -10.20 8.61
N ILE A 241 -13.14 -9.71 8.98
CA ILE A 241 -12.68 -9.77 10.35
C ILE A 241 -13.03 -8.47 11.07
N ARG A 242 -13.58 -8.60 12.28
CA ARG A 242 -13.75 -7.49 13.20
CA ARG A 242 -13.72 -7.49 13.19
C ARG A 242 -13.14 -7.92 14.54
N LEU A 243 -12.20 -7.13 15.05
CA LEU A 243 -11.57 -7.47 16.32
C LEU A 243 -12.61 -7.47 17.43
N TYR A 244 -12.64 -8.54 18.23
CA TYR A 244 -13.57 -8.63 19.34
C TYR A 244 -13.39 -7.45 20.29
N ASP A 245 -14.51 -6.93 20.80
CA ASP A 245 -14.47 -5.75 21.66
C ASP A 245 -13.66 -5.99 22.94
N TYR A 246 -13.74 -7.20 23.51
CA TYR A 246 -13.01 -7.41 24.77
C TYR A 246 -11.50 -7.38 24.58
N LEU A 247 -11.02 -7.41 23.34
CA LEU A 247 -9.60 -7.32 23.05
C LEU A 247 -9.12 -5.88 22.94
N ILE A 248 -10.01 -4.92 23.15
CA ILE A 248 -9.73 -3.50 22.96
C ILE A 248 -9.95 -2.80 24.29
N ASN A 249 -8.95 -2.05 24.74
CA ASN A 249 -9.11 -1.14 25.88
C ASN A 249 -9.65 0.17 25.32
N TYR A 250 -10.95 0.40 25.50
CA TYR A 250 -11.60 1.62 25.04
C TYR A 250 -11.41 2.68 26.11
N ALA A 251 -10.25 3.33 26.09
CA ALA A 251 -9.97 4.42 27.04
C ALA A 251 -10.45 5.74 26.43
N VAL A 252 -11.76 5.80 26.22
CA VAL A 252 -12.38 6.84 25.40
C VAL A 252 -13.00 7.90 26.29
N LYS A 253 -13.41 9.00 25.67
CA LYS A 253 -14.15 10.04 26.38
C LYS A 253 -15.53 9.51 26.78
N PRO A 254 -16.10 10.00 27.88
CA PRO A 254 -17.49 9.65 28.19
C PRO A 254 -18.42 10.20 27.11
N GLU A 255 -19.54 9.51 26.91
CA GLU A 255 -20.58 10.02 26.03
C GLU A 255 -21.01 11.40 26.52
N GLN A 256 -21.01 12.38 25.61
CA GLN A 256 -21.34 13.75 25.96
C GLN A 256 -22.26 14.35 24.91
N GLU A 257 -23.05 15.31 25.34
CA GLU A 257 -23.88 16.11 24.46
C GLU A 257 -22.99 17.11 23.73
N VAL A 258 -23.27 17.34 22.46
CA VAL A 258 -22.53 18.33 21.69
C VAL A 258 -22.93 19.73 22.16
N PRO A 259 -21.98 20.61 22.50
CA PRO A 259 -22.35 21.98 22.87
C PRO A 259 -22.85 22.77 21.66
N GLU A 260 -23.75 23.71 21.93
CA GLU A 260 -24.26 24.58 20.88
C GLU A 260 -23.11 25.33 20.21
N LYS A 261 -23.24 25.53 18.90
CA LYS A 261 -22.20 26.15 18.11
C LYS A 261 -22.17 27.65 18.39
N LYS A 262 -21.01 28.15 18.84
CA LYS A 262 -20.87 29.56 19.20
C LYS A 262 -20.05 30.34 18.17
N ILE B 4 10.23 13.28 -31.51
CA ILE B 4 8.82 13.54 -31.28
C ILE B 4 8.51 13.24 -29.82
N VAL B 5 7.49 13.90 -29.27
CA VAL B 5 7.14 13.73 -27.86
C VAL B 5 5.62 13.77 -27.69
N GLU B 6 5.00 12.60 -27.58
CA GLU B 6 3.58 12.44 -27.31
C GLU B 6 3.35 12.40 -25.81
N PRO B 7 2.34 13.11 -25.30
CA PRO B 7 2.12 13.15 -23.85
C PRO B 7 1.94 11.75 -23.27
N LEU B 8 2.49 11.54 -22.08
CA LEU B 8 2.36 10.27 -21.39
C LEU B 8 0.97 10.10 -20.77
N ILE B 9 0.40 11.19 -20.25
CA ILE B 9 -0.91 11.16 -19.64
C ILE B 9 -1.69 12.42 -20.04
N ARG B 10 -2.99 12.39 -19.77
CA ARG B 10 -3.89 13.51 -20.00
C ARG B 10 -4.72 13.73 -18.74
N THR B 11 -4.80 14.97 -18.30
CA THR B 11 -5.54 15.33 -17.09
C THR B 11 -6.52 16.45 -17.44
N THR B 12 -7.63 16.48 -16.71
CA THR B 12 -8.62 17.54 -16.92
C THR B 12 -9.00 18.29 -15.64
N ILE B 13 -8.57 17.84 -14.45
CA ILE B 13 -9.18 18.35 -13.23
C ILE B 13 -8.35 19.43 -12.54
N SER B 14 -7.03 19.44 -12.77
CA SER B 14 -6.20 20.34 -11.99
C SER B 14 -4.92 20.69 -12.74
N ASP B 15 -4.31 21.77 -12.30
CA ASP B 15 -3.17 22.36 -13.00
C ASP B 15 -2.42 23.20 -11.98
N ASP B 16 -1.10 23.02 -11.91
CA ASP B 16 -0.27 23.81 -11.01
C ASP B 16 0.77 24.63 -11.76
N ARG B 17 0.62 24.81 -13.07
CA ARG B 17 1.59 25.57 -13.85
C ARG B 17 1.42 27.07 -13.70
N GLY B 18 0.27 27.53 -13.22
CA GLY B 18 0.01 28.94 -13.04
C GLY B 18 0.51 29.44 -11.70
N GLU B 19 -0.06 30.56 -11.27
CA GLU B 19 0.38 31.21 -10.04
C GLU B 19 0.11 30.36 -8.81
N GLU B 20 -0.99 29.61 -8.81
CA GLU B 20 -1.26 28.63 -7.75
C GLU B 20 -2.07 27.51 -8.36
N PRO B 21 -2.18 26.38 -7.67
CA PRO B 21 -2.98 25.26 -8.21
C PRO B 21 -4.41 25.68 -8.50
N ARG B 22 -4.95 25.13 -9.59
CA ARG B 22 -6.29 25.42 -10.04
C ARG B 22 -7.10 24.14 -10.04
N TYR B 23 -8.24 24.16 -9.35
CA TYR B 23 -9.16 23.03 -9.29
C TYR B 23 -10.31 23.32 -10.24
N ALA B 24 -10.36 22.59 -11.35
CA ALA B 24 -11.39 22.82 -12.36
C ALA B 24 -11.48 24.29 -12.73
N GLY B 25 -10.33 24.95 -12.80
CA GLY B 25 -10.24 26.33 -13.23
C GLY B 25 -10.27 27.37 -12.13
N TYR B 26 -10.52 26.96 -10.88
CA TYR B 26 -10.64 27.88 -9.76
C TYR B 26 -9.41 27.81 -8.86
N ALA B 27 -8.94 28.97 -8.42
CA ALA B 27 -7.82 29.04 -7.48
C ALA B 27 -8.30 28.75 -6.05
N ALA B 28 -7.52 27.96 -5.32
CA ALA B 28 -7.93 27.56 -3.98
C ALA B 28 -8.04 28.76 -3.04
N SER B 29 -7.09 29.70 -3.12
CA SER B 29 -7.15 30.86 -2.24
C SER B 29 -8.41 31.69 -2.49
N GLU B 30 -8.86 31.75 -3.75
CA GLU B 30 -10.08 32.49 -4.06
C GLU B 30 -11.32 31.73 -3.57
N LEU B 31 -11.31 30.39 -3.69
CA LEU B 31 -12.40 29.62 -3.10
C LEU B 31 -12.50 29.89 -1.60
N CYS B 32 -11.36 29.93 -0.91
CA CYS B 32 -11.37 30.22 0.53
C CYS B 32 -11.98 31.59 0.80
N SER B 33 -11.52 32.61 0.07
CA SER B 33 -11.92 33.98 0.38
C SER B 33 -13.39 34.25 0.13
N LYS B 34 -14.05 33.47 -0.73
CA LYS B 34 -15.46 33.66 -1.04
C LYS B 34 -16.36 32.73 -0.26
N GLY B 35 -15.83 32.01 0.73
CA GLY B 35 -16.66 31.28 1.67
C GLY B 35 -16.89 29.83 1.34
N TYR B 36 -16.25 29.28 0.31
CA TYR B 36 -16.44 27.88 -0.03
C TYR B 36 -15.63 27.00 0.92
N GLY B 37 -15.93 25.69 0.90
CA GLY B 37 -15.38 24.79 1.86
C GLY B 37 -14.76 23.52 1.28
N ILE B 38 -14.42 22.59 2.15
CA ILE B 38 -13.84 21.32 1.72
C ILE B 38 -14.80 20.61 0.77
N GLU B 39 -16.10 20.63 1.09
CA GLU B 39 -17.10 19.94 0.28
C GLU B 39 -17.14 20.48 -1.15
N ASP B 40 -16.86 21.78 -1.32
CA ASP B 40 -16.85 22.36 -2.65
C ASP B 40 -15.60 21.94 -3.42
N VAL B 41 -14.47 21.84 -2.73
CA VAL B 41 -13.26 21.34 -3.38
C VAL B 41 -13.44 19.88 -3.81
N ILE B 42 -14.16 19.09 -3.01
CA ILE B 42 -14.49 17.73 -3.41
C ILE B 42 -15.27 17.73 -4.72
N GLY B 43 -16.31 18.59 -4.81
CA GLY B 43 -17.08 18.66 -6.04
C GLY B 43 -16.24 19.07 -7.23
N LEU B 44 -15.34 20.03 -7.05
CA LEU B 44 -14.52 20.48 -8.16
C LEU B 44 -13.58 19.37 -8.63
N LEU B 45 -12.90 18.72 -7.70
CA LEU B 45 -11.88 17.75 -8.10
C LEU B 45 -12.46 16.40 -8.50
N TRP B 46 -13.66 16.04 -8.04
CA TRP B 46 -14.24 14.75 -8.40
C TRP B 46 -15.30 14.85 -9.49
N ASN B 47 -15.87 16.04 -9.69
CA ASN B 47 -16.96 16.23 -10.64
C ASN B 47 -16.77 17.46 -11.50
N LYS B 48 -15.71 18.23 -11.30
CA LYS B 48 -15.47 19.44 -12.09
C LYS B 48 -16.68 20.38 -12.05
N LYS B 49 -17.42 20.35 -10.94
CA LYS B 49 -18.58 21.20 -10.77
C LYS B 49 -18.64 21.70 -9.33
N LEU B 50 -18.87 22.99 -9.17
CA LEU B 50 -19.10 23.57 -7.85
C LEU B 50 -20.47 23.10 -7.37
N PRO B 51 -20.58 22.45 -6.21
CA PRO B 51 -21.91 22.00 -5.74
C PRO B 51 -22.80 23.17 -5.34
N THR B 52 -24.11 22.95 -5.47
CA THR B 52 -25.07 23.85 -4.85
C THR B 52 -24.94 23.77 -3.33
N ARG B 53 -25.56 24.75 -2.65
CA ARG B 53 -25.45 24.79 -1.20
C ARG B 53 -26.08 23.54 -0.57
N GLU B 54 -27.21 23.08 -1.12
CA GLU B 54 -27.86 21.89 -0.55
C GLU B 54 -27.03 20.64 -0.79
N GLU B 55 -26.43 20.51 -1.97
CA GLU B 55 -25.51 19.38 -2.20
C GLU B 55 -24.33 19.44 -1.24
N SER B 56 -23.81 20.65 -1.01
CA SER B 56 -22.67 20.83 -0.12
C SER B 56 -22.99 20.40 1.31
N GLU B 57 -24.19 20.74 1.79
CA GLU B 57 -24.59 20.37 3.15
C GLU B 57 -24.70 18.86 3.28
N ILE B 58 -25.12 18.17 2.21
CA ILE B 58 -25.25 16.72 2.26
C ILE B 58 -23.89 16.06 2.21
N ILE B 59 -23.00 16.53 1.32
CA ILE B 59 -21.65 15.99 1.27
C ILE B 59 -20.98 16.14 2.64
N LYS B 60 -21.12 17.31 3.25
CA LYS B 60 -20.55 17.54 4.57
C LYS B 60 -20.99 16.46 5.56
N ARG B 61 -22.29 16.17 5.59
CA ARG B 61 -22.82 15.25 6.58
C ARG B 61 -22.42 13.82 6.28
N ILE B 62 -22.38 13.44 4.99
CA ILE B 62 -21.94 12.09 4.64
C ILE B 62 -20.51 11.85 5.10
N VAL B 63 -19.64 12.84 4.90
CA VAL B 63 -18.24 12.67 5.29
C VAL B 63 -18.13 12.62 6.81
N MET B 64 -18.84 13.51 7.52
CA MET B 64 -18.76 13.50 8.98
C MET B 64 -19.23 12.16 9.53
N ILE B 65 -20.35 11.64 9.03
CA ILE B 65 -20.92 10.41 9.53
C ILE B 65 -20.05 9.22 9.18
N SER B 66 -19.29 9.29 8.08
CA SER B 66 -18.49 8.16 7.61
C SER B 66 -17.05 8.21 8.09
N ALA B 67 -16.67 9.22 8.90
CA ALA B 67 -15.25 9.43 9.20
C ALA B 67 -14.62 8.28 9.97
N ASP B 68 -15.35 7.61 10.85
CA ASP B 68 -14.75 6.51 11.59
C ASP B 68 -15.82 5.62 12.19
N HIS B 69 -15.47 4.35 12.42
CA HIS B 69 -16.38 3.40 13.02
C HIS B 69 -15.69 2.63 14.14
N GLY B 70 -14.69 3.22 14.77
CA GLY B 70 -14.01 2.58 15.88
C GLY B 70 -12.80 1.79 15.41
N PRO B 71 -11.98 1.33 16.37
CA PRO B 71 -10.70 0.66 16.02
C PRO B 71 -10.81 -0.80 15.60
N ALA B 72 -11.99 -1.42 15.72
CA ALA B 72 -12.10 -2.86 15.54
C ALA B 72 -12.28 -3.27 14.07
N VAL B 73 -12.72 -2.36 13.20
CA VAL B 73 -12.99 -2.69 11.82
C VAL B 73 -11.71 -2.65 11.00
N SER B 74 -11.76 -3.26 9.81
CA SER B 74 -10.54 -3.65 9.10
C SER B 74 -9.66 -2.46 8.71
N GLY B 75 -10.26 -1.37 8.24
CA GLY B 75 -9.45 -0.23 7.81
C GLY B 75 -8.70 0.42 8.95
N ALA B 76 -9.41 0.75 10.04
CA ALA B 76 -8.76 1.30 11.22
C ALA B 76 -7.75 0.33 11.80
N PHE B 77 -8.12 -0.94 11.90
CA PHE B 77 -7.25 -1.90 12.55
C PHE B 77 -5.98 -2.14 11.72
N GLY B 78 -6.10 -2.11 10.39
CA GLY B 78 -4.92 -2.15 9.54
C GLY B 78 -3.98 -0.98 9.78
N SER B 79 -4.54 0.23 9.93
CA SER B 79 -3.70 1.39 10.21
C SER B 79 -3.07 1.29 11.60
N ILE B 80 -3.81 0.74 12.57
CA ILE B 80 -3.29 0.54 13.92
C ILE B 80 -2.17 -0.49 13.91
N LEU B 81 -2.36 -1.60 13.20
CA LEU B 81 -1.32 -2.61 13.09
C LEU B 81 -0.04 -2.01 12.56
N ALA B 82 -0.14 -1.18 11.50
CA ALA B 82 1.05 -0.55 10.93
C ALA B 82 1.64 0.48 11.88
N ALA B 83 0.79 1.28 12.53
CA ALA B 83 1.29 2.23 13.52
C ALA B 83 2.11 1.52 14.60
N CYS B 84 1.60 0.40 15.10
CA CYS B 84 2.28 -0.33 16.17
C CYS B 84 3.54 -1.03 15.66
N ALA B 85 3.66 -1.23 14.35
CA ALA B 85 4.90 -1.72 13.76
C ALA B 85 5.90 -0.60 13.49
N GLY B 86 5.59 0.63 13.91
CA GLY B 86 6.51 1.74 13.75
C GLY B 86 6.51 2.38 12.38
N ILE B 87 5.50 2.11 11.55
CA ILE B 87 5.42 2.65 10.21
C ILE B 87 4.88 4.08 10.25
N ASP B 88 5.42 4.94 9.39
CA ASP B 88 5.02 6.34 9.35
C ASP B 88 3.58 6.47 8.85
N MET B 89 2.99 7.65 9.11
CA MET B 89 1.56 7.83 8.92
C MET B 89 1.07 7.55 7.50
N PRO B 90 1.66 8.12 6.45
CA PRO B 90 1.09 7.90 5.11
C PRO B 90 1.10 6.43 4.71
N GLN B 91 2.18 5.72 5.01
CA GLN B 91 2.27 4.31 4.64
C GLN B 91 1.36 3.46 5.50
N ALA B 92 1.21 3.80 6.79
CA ALA B 92 0.28 3.09 7.66
C ALA B 92 -1.17 3.26 7.21
N VAL B 93 -1.56 4.49 6.89
CA VAL B 93 -2.91 4.73 6.40
C VAL B 93 -3.14 4.03 5.07
N SER B 94 -2.10 3.96 4.22
CA SER B 94 -2.26 3.26 2.94
C SER B 94 -2.60 1.78 3.17
N ALA B 95 -2.02 1.15 4.19
CA ALA B 95 -2.35 -0.22 4.50
C ALA B 95 -3.81 -0.37 4.92
N GLY B 96 -4.31 0.56 5.74
CA GLY B 96 -5.72 0.51 6.12
C GLY B 96 -6.63 0.77 4.95
N MET B 97 -6.27 1.74 4.11
CA MET B 97 -7.08 2.06 2.93
C MET B 97 -7.15 0.87 1.95
N THR B 98 -6.09 0.05 1.90
CA THR B 98 -6.10 -1.14 1.08
C THR B 98 -7.21 -2.12 1.45
N MET B 99 -7.73 -2.04 2.67
CA MET B 99 -8.82 -2.91 3.12
C MET B 99 -10.16 -2.55 2.51
N ILE B 100 -10.29 -1.35 1.93
CA ILE B 100 -11.56 -0.89 1.39
C ILE B 100 -11.81 -1.55 0.06
N GLY B 101 -12.98 -2.19 -0.07
CA GLY B 101 -13.29 -2.98 -1.23
C GLY B 101 -14.68 -3.59 -1.11
N PRO B 102 -14.86 -4.81 -1.63
CA PRO B 102 -16.24 -5.34 -1.72
C PRO B 102 -16.91 -5.56 -0.37
N ARG B 103 -16.16 -5.86 0.68
CA ARG B 103 -16.74 -6.18 1.97
C ARG B 103 -16.64 -5.04 2.98
N PHE B 104 -15.62 -4.21 2.89
CA PHE B 104 -15.40 -3.12 3.83
C PHE B 104 -15.59 -1.84 3.01
N GLY B 105 -16.75 -1.21 3.18
CA GLY B 105 -17.12 -0.05 2.40
C GLY B 105 -17.92 -0.33 1.15
N GLY B 106 -17.84 -1.55 0.61
CA GLY B 106 -18.47 -1.87 -0.66
C GLY B 106 -19.98 -1.79 -0.64
N ALA B 107 -20.60 -1.91 0.54
CA ALA B 107 -22.05 -1.88 0.62
C ALA B 107 -22.60 -0.53 0.19
N VAL B 108 -21.82 0.54 0.37
CA VAL B 108 -22.26 1.87 -0.06
C VAL B 108 -22.43 1.91 -1.57
N THR B 109 -21.38 1.54 -2.30
CA THR B 109 -21.47 1.55 -3.76
C THR B 109 -22.48 0.52 -4.26
N ASN B 110 -22.47 -0.68 -3.69
CA ASN B 110 -23.34 -1.76 -4.17
C ASN B 110 -24.80 -1.45 -3.89
N ALA B 111 -25.12 -0.93 -2.71
CA ALA B 111 -26.50 -0.57 -2.42
C ALA B 111 -27.01 0.44 -3.42
N GLY B 112 -26.22 1.49 -3.70
CA GLY B 112 -26.62 2.46 -4.68
C GLY B 112 -26.78 1.86 -6.07
N LYS B 113 -25.87 0.96 -6.44
CA LYS B 113 -25.91 0.37 -7.77
C LYS B 113 -27.18 -0.45 -7.98
N TYR B 114 -27.53 -1.29 -7.00
CA TYR B 114 -28.66 -2.20 -7.18
C TYR B 114 -30.00 -1.52 -6.90
N PHE B 115 -30.03 -0.50 -6.04
CA PHE B 115 -31.27 0.24 -5.83
C PHE B 115 -31.57 1.13 -7.02
N LYS B 116 -30.54 1.54 -7.77
CA LYS B 116 -30.80 2.19 -9.05
C LYS B 116 -31.33 1.19 -10.08
N MET B 117 -30.72 0.00 -10.14
CA MET B 117 -31.23 -1.03 -11.04
C MET B 117 -32.66 -1.42 -10.69
N ALA B 118 -33.01 -1.40 -9.41
CA ALA B 118 -34.39 -1.67 -9.01
C ALA B 118 -35.31 -0.55 -9.47
N VAL B 119 -34.83 0.70 -9.39
CA VAL B 119 -35.63 1.84 -9.82
C VAL B 119 -35.90 1.78 -11.31
N GLU B 120 -34.96 1.26 -12.09
CA GLU B 120 -35.10 1.25 -13.54
C GLU B 120 -35.68 -0.06 -14.07
N ASP B 121 -35.44 -1.18 -13.39
CA ASP B 121 -35.90 -2.48 -13.86
C ASP B 121 -37.05 -3.07 -13.05
N TYR B 122 -37.30 -2.58 -11.84
CA TYR B 122 -38.44 -3.05 -11.05
C TYR B 122 -39.15 -1.85 -10.43
N PRO B 123 -39.49 -0.82 -11.22
CA PRO B 123 -40.04 0.41 -10.62
C PRO B 123 -41.18 0.18 -9.64
N ASN B 124 -42.09 -0.74 -9.94
CA ASN B 124 -43.20 -1.03 -9.05
C ASN B 124 -43.35 -2.54 -8.83
N ASP B 125 -42.21 -3.26 -8.75
CA ASP B 125 -42.21 -4.71 -8.57
C ASP B 125 -41.14 -5.07 -7.53
N ILE B 126 -41.37 -4.63 -6.28
CA ILE B 126 -40.41 -4.90 -5.21
C ILE B 126 -40.20 -6.40 -4.98
N PRO B 127 -41.25 -7.23 -4.90
CA PRO B 127 -41.01 -8.67 -4.72
C PRO B 127 -40.17 -9.28 -5.83
N GLY B 128 -40.37 -8.84 -7.08
CA GLY B 128 -39.50 -9.31 -8.14
C GLY B 128 -38.05 -8.92 -7.92
N PHE B 129 -37.82 -7.71 -7.41
CA PHE B 129 -36.46 -7.29 -7.08
C PHE B 129 -35.86 -8.17 -5.99
N LEU B 130 -36.59 -8.32 -4.87
CA LEU B 130 -36.09 -9.17 -3.79
C LEU B 130 -35.92 -10.60 -4.27
N SER B 131 -36.82 -11.07 -5.15
CA SER B 131 -36.69 -12.41 -5.69
C SER B 131 -35.44 -12.55 -6.55
N TRP B 132 -35.20 -11.57 -7.42
CA TRP B 132 -34.00 -11.61 -8.25
C TRP B 132 -32.75 -11.57 -7.38
N MET B 133 -32.76 -10.72 -6.35
CA MET B 133 -31.64 -10.63 -5.45
C MET B 133 -31.41 -11.94 -4.72
N LYS B 134 -32.48 -12.59 -4.26
CA LYS B 134 -32.36 -13.81 -3.48
C LYS B 134 -31.67 -14.92 -4.26
N LYS B 135 -31.93 -15.01 -5.56
CA LYS B 135 -31.31 -16.06 -6.36
C LYS B 135 -29.87 -15.71 -6.78
N ASN B 136 -29.65 -14.47 -7.21
CA ASN B 136 -28.43 -14.12 -7.92
C ASN B 136 -27.42 -13.33 -7.10
N VAL B 137 -27.82 -12.77 -5.96
CA VAL B 137 -26.92 -11.92 -5.17
C VAL B 137 -26.88 -12.42 -3.73
N GLY B 138 -28.06 -12.64 -3.16
CA GLY B 138 -28.16 -13.01 -1.76
C GLY B 138 -28.80 -11.89 -0.95
N PRO B 139 -28.18 -11.53 0.18
CA PRO B 139 -28.72 -10.41 0.96
C PRO B 139 -28.72 -9.12 0.15
N VAL B 140 -29.70 -8.27 0.42
CA VAL B 140 -29.83 -6.99 -0.26
C VAL B 140 -28.83 -6.01 0.33
N PRO B 141 -27.89 -5.48 -0.45
CA PRO B 141 -26.97 -4.48 0.10
C PRO B 141 -27.72 -3.24 0.58
N GLY B 142 -27.33 -2.75 1.75
CA GLY B 142 -27.98 -1.62 2.37
C GLY B 142 -29.16 -1.96 3.24
N ILE B 143 -29.60 -3.22 3.23
CA ILE B 143 -30.73 -3.68 4.04
C ILE B 143 -30.20 -4.65 5.09
N GLY B 144 -30.67 -4.51 6.32
CA GLY B 144 -30.33 -5.44 7.37
C GLY B 144 -29.40 -4.85 8.42
N HIS B 145 -29.61 -5.24 9.67
CA HIS B 145 -28.74 -4.84 10.77
C HIS B 145 -28.85 -5.90 11.86
N ARG B 146 -27.71 -6.21 12.49
CA ARG B 146 -27.69 -7.28 13.48
C ARG B 146 -28.38 -6.87 14.78
N VAL B 147 -28.40 -5.58 15.10
CA VAL B 147 -28.93 -5.08 16.36
C VAL B 147 -30.11 -4.13 16.15
N LYS B 148 -30.02 -3.27 15.14
CA LYS B 148 -31.06 -2.28 14.91
C LYS B 148 -32.28 -2.94 14.28
N SER B 149 -33.45 -2.34 14.48
CA SER B 149 -34.70 -2.91 14.02
C SER B 149 -35.71 -1.79 13.81
N VAL B 150 -36.96 -2.18 13.50
CA VAL B 150 -38.01 -1.19 13.25
C VAL B 150 -38.26 -0.34 14.48
N LYS B 151 -38.32 -0.96 15.65
CA LYS B 151 -38.55 -0.23 16.89
C LYS B 151 -37.27 0.24 17.55
N ASN B 152 -36.11 0.00 16.94
CA ASN B 152 -34.83 0.56 17.39
C ASN B 152 -34.04 0.96 16.15
N PRO B 153 -34.50 1.97 15.42
CA PRO B 153 -33.88 2.30 14.14
C PRO B 153 -32.54 2.98 14.33
N ASP B 154 -31.81 3.10 13.23
CA ASP B 154 -30.51 3.75 13.24
C ASP B 154 -30.73 5.25 13.26
N GLN B 155 -30.23 5.92 14.30
CA GLN B 155 -30.43 7.36 14.44
C GLN B 155 -29.77 8.13 13.31
N ARG B 156 -28.66 7.60 12.77
CA ARG B 156 -27.98 8.30 11.67
C ARG B 156 -28.80 8.22 10.39
N VAL B 157 -29.48 7.09 10.15
CA VAL B 157 -30.38 6.99 9.02
C VAL B 157 -31.55 7.94 9.21
N LYS B 158 -32.16 7.92 10.39
CA LYS B 158 -33.24 8.85 10.71
C LYS B 158 -32.82 10.29 10.43
N TYR B 159 -31.65 10.69 10.93
CA TYR B 159 -31.20 12.06 10.77
C TYR B 159 -30.99 12.40 9.29
N LEU B 160 -30.24 11.55 8.57
CA LEU B 160 -29.93 11.85 7.17
C LEU B 160 -31.19 11.92 6.34
N VAL B 161 -32.11 10.97 6.52
CA VAL B 161 -33.37 11.00 5.80
C VAL B 161 -34.16 12.24 6.18
N SER B 162 -34.19 12.58 7.47
CA SER B 162 -34.93 13.76 7.91
C SER B 162 -34.30 15.04 7.37
N TYR B 163 -32.98 15.15 7.44
CA TYR B 163 -32.33 16.37 6.97
C TYR B 163 -32.58 16.60 5.49
N ILE B 164 -32.48 15.54 4.67
CA ILE B 164 -32.52 15.73 3.23
C ILE B 164 -33.94 16.00 2.77
N LYS B 165 -34.94 15.44 3.46
CA LYS B 165 -36.33 15.65 3.06
C LYS B 165 -36.90 16.93 3.62
N ASN B 166 -36.44 17.37 4.80
CA ASN B 166 -36.98 18.57 5.44
C ASN B 166 -36.14 19.81 5.19
N GLU B 167 -34.83 19.67 4.92
CA GLU B 167 -33.97 20.83 4.76
C GLU B 167 -33.44 21.01 3.34
N THR B 168 -33.81 20.14 2.39
CA THR B 168 -33.44 20.34 0.99
C THR B 168 -34.63 19.99 0.11
N SER B 169 -34.54 20.39 -1.16
CA SER B 169 -35.54 20.10 -2.17
C SER B 169 -35.07 19.05 -3.18
N LEU B 170 -34.16 18.18 -2.78
CA LEU B 170 -33.54 17.25 -3.71
C LEU B 170 -34.45 16.06 -3.98
N HIS B 171 -34.44 15.58 -5.23
CA HIS B 171 -35.22 14.43 -5.65
C HIS B 171 -34.37 13.18 -5.44
N THR B 172 -34.89 12.22 -4.67
CA THR B 172 -34.14 11.05 -4.25
C THR B 172 -34.88 9.77 -4.65
N PRO B 173 -34.92 9.45 -5.94
CA PRO B 173 -35.62 8.21 -6.36
C PRO B 173 -35.08 6.94 -5.71
N CYS B 174 -33.76 6.79 -5.65
CA CYS B 174 -33.18 5.58 -5.08
C CYS B 174 -33.49 5.49 -3.59
N LEU B 175 -33.30 6.58 -2.86
CA LEU B 175 -33.59 6.58 -1.43
C LEU B 175 -35.07 6.27 -1.18
N ASP B 176 -35.95 6.88 -1.97
CA ASP B 176 -37.38 6.60 -1.82
C ASP B 176 -37.67 5.13 -2.08
N TYR B 177 -37.07 4.56 -3.12
CA TYR B 177 -37.26 3.14 -3.39
C TYR B 177 -36.78 2.30 -2.22
N ALA B 178 -35.60 2.62 -1.68
CA ALA B 178 -35.09 1.88 -0.55
C ALA B 178 -36.01 2.03 0.66
N LEU B 179 -36.56 3.23 0.87
CA LEU B 179 -37.48 3.44 1.98
C LEU B 179 -38.76 2.63 1.81
N GLU B 180 -39.22 2.45 0.56
CA GLU B 180 -40.35 1.57 0.31
C GLU B 180 -39.96 0.10 0.51
N VAL B 181 -38.77 -0.29 0.05
CA VAL B 181 -38.28 -1.64 0.28
C VAL B 181 -38.23 -1.92 1.77
N GLU B 182 -37.78 -0.95 2.57
CA GLU B 182 -37.73 -1.13 4.02
C GLU B 182 -39.09 -1.53 4.57
N LYS B 183 -40.15 -0.92 4.04
CA LYS B 183 -41.50 -1.30 4.47
C LYS B 183 -41.77 -2.77 4.15
N VAL B 184 -41.32 -3.23 2.99
CA VAL B 184 -41.54 -4.61 2.58
C VAL B 184 -40.63 -5.56 3.36
N THR B 185 -39.34 -5.22 3.45
CA THR B 185 -38.37 -6.14 4.05
C THR B 185 -38.62 -6.31 5.54
N THR B 186 -39.01 -5.23 6.23
CA THR B 186 -39.28 -5.34 7.66
C THR B 186 -40.44 -6.28 7.96
N ALA B 187 -41.31 -6.53 6.97
CA ALA B 187 -42.37 -7.51 7.16
C ALA B 187 -41.80 -8.91 7.31
N LYS B 188 -40.94 -9.35 6.37
CA LYS B 188 -40.40 -10.70 6.43
C LYS B 188 -39.57 -10.89 7.70
N LYS B 189 -38.83 -9.87 8.13
CA LYS B 189 -38.04 -9.96 9.34
C LYS B 189 -37.77 -8.55 9.85
N GLY B 190 -38.05 -8.32 11.14
CA GLY B 190 -38.06 -6.98 11.69
C GLY B 190 -36.75 -6.24 11.62
N ASN B 191 -35.62 -6.95 11.56
CA ASN B 191 -34.31 -6.32 11.56
C ASN B 191 -33.80 -6.00 10.16
N LEU B 192 -34.64 -6.17 9.14
CA LEU B 192 -34.26 -5.85 7.76
C LEU B 192 -34.55 -4.37 7.47
N ILE B 193 -33.91 -3.52 8.26
CA ILE B 193 -34.07 -2.07 8.11
C ILE B 193 -33.13 -1.55 7.03
N LEU B 194 -33.40 -0.33 6.58
CA LEU B 194 -32.43 0.40 5.78
C LEU B 194 -31.29 0.88 6.68
N ASN B 195 -30.07 0.44 6.38
CA ASN B 195 -28.92 0.79 7.18
C ASN B 195 -28.22 2.01 6.61
N VAL B 196 -27.21 2.49 7.33
CA VAL B 196 -26.55 3.74 6.97
C VAL B 196 -25.83 3.60 5.64
N ASP B 197 -25.30 2.41 5.34
CA ASP B 197 -24.63 2.21 4.05
C ASP B 197 -25.61 2.33 2.90
N GLY B 198 -26.79 1.73 3.04
CA GLY B 198 -27.80 1.85 1.99
C GLY B 198 -28.31 3.27 1.87
N THR B 199 -28.47 3.96 2.99
CA THR B 199 -28.93 5.34 2.95
C THR B 199 -27.93 6.22 2.22
N ILE B 200 -26.65 6.12 2.60
CA ILE B 200 -25.63 6.93 1.97
C ILE B 200 -25.45 6.53 0.51
N GLY B 201 -25.44 5.23 0.23
CA GLY B 201 -25.31 4.77 -1.15
C GLY B 201 -26.41 5.27 -2.05
N CYS B 202 -27.67 5.26 -1.55
CA CYS B 202 -28.77 5.75 -2.37
C CYS B 202 -28.69 7.26 -2.55
N ILE B 203 -28.36 8.00 -1.48
CA ILE B 203 -28.28 9.45 -1.59
C ILE B 203 -27.22 9.87 -2.60
N LEU B 204 -26.06 9.22 -2.57
CA LEU B 204 -24.99 9.58 -3.50
C LEU B 204 -25.40 9.31 -4.94
N MET B 205 -26.10 8.20 -5.19
CA MET B 205 -26.61 7.94 -6.53
C MET B 205 -27.56 9.06 -6.98
N ASP B 206 -28.39 9.54 -6.07
CA ASP B 206 -29.36 10.60 -6.40
C ASP B 206 -28.73 11.96 -6.59
N LEU B 207 -27.53 12.20 -6.07
CA LEU B 207 -26.87 13.48 -6.19
C LEU B 207 -26.14 13.70 -7.52
N ASP B 208 -26.22 12.75 -8.45
CA ASP B 208 -25.66 12.92 -9.79
C ASP B 208 -24.13 12.95 -9.79
N PHE B 209 -23.49 12.26 -8.84
CA PHE B 209 -22.07 11.99 -8.96
C PHE B 209 -21.87 10.76 -9.84
N PRO B 210 -20.79 10.71 -10.63
CA PRO B 210 -20.54 9.50 -11.42
C PRO B 210 -20.51 8.27 -10.51
N VAL B 211 -20.98 7.14 -11.04
CA VAL B 211 -21.09 5.93 -10.24
C VAL B 211 -19.74 5.51 -9.69
N HIS B 212 -18.69 5.63 -10.48
CA HIS B 212 -17.38 5.19 -10.04
C HIS B 212 -16.70 6.19 -9.10
N SER B 213 -17.33 7.33 -8.81
CA SER B 213 -16.81 8.25 -7.82
C SER B 213 -17.37 7.99 -6.43
N LEU B 214 -18.46 7.22 -6.33
CA LEU B 214 -19.16 7.06 -5.05
C LEU B 214 -18.27 6.52 -3.96
N ASN B 215 -17.38 5.57 -4.30
CA ASN B 215 -16.49 5.03 -3.31
C ASN B 215 -15.58 6.11 -2.71
N GLY B 216 -15.40 7.23 -3.41
CA GLY B 216 -14.49 8.25 -2.92
C GLY B 216 -14.95 8.82 -1.59
N PHE B 217 -16.26 8.92 -1.37
CA PHE B 217 -16.74 9.50 -0.12
C PHE B 217 -16.36 8.63 1.08
N PHE B 218 -16.48 7.32 0.94
CA PHE B 218 -16.05 6.42 2.02
C PHE B 218 -14.54 6.42 2.18
N VAL B 219 -13.80 6.37 1.08
CA VAL B 219 -12.34 6.37 1.15
C VAL B 219 -11.84 7.62 1.85
N LEU B 220 -12.34 8.79 1.43
CA LEU B 220 -11.88 10.04 2.03
C LEU B 220 -12.28 10.12 3.49
N ALA B 221 -13.57 9.85 3.77
CA ALA B 221 -14.04 9.98 5.14
C ALA B 221 -13.24 9.10 6.10
N ARG B 222 -13.08 7.81 5.73
CA ARG B 222 -12.38 6.91 6.65
C ARG B 222 -10.90 7.20 6.73
N THR B 223 -10.33 7.94 5.77
CA THR B 223 -8.96 8.41 5.94
C THR B 223 -8.82 9.35 7.12
N ILE B 224 -9.87 10.13 7.43
CA ILE B 224 -9.87 10.95 8.63
C ILE B 224 -9.66 10.07 9.85
N GLY B 225 -10.48 9.01 9.96
CA GLY B 225 -10.36 8.13 11.11
C GLY B 225 -9.04 7.38 11.15
N MET B 226 -8.57 6.90 10.01
CA MET B 226 -7.35 6.12 10.00
C MET B 226 -6.15 6.96 10.41
N ILE B 227 -6.10 8.22 9.94
CA ILE B 227 -5.07 9.14 10.43
C ILE B 227 -5.22 9.33 11.95
N GLY B 228 -6.46 9.50 12.42
CA GLY B 228 -6.67 9.64 13.85
C GLY B 228 -6.15 8.47 14.65
N HIS B 229 -6.40 7.25 14.19
CA HIS B 229 -5.92 6.08 14.90
C HIS B 229 -4.39 5.99 14.87
N TRP B 230 -3.77 6.37 13.76
CA TRP B 230 -2.31 6.37 13.71
C TRP B 230 -1.75 7.36 14.74
N ILE B 231 -2.33 8.55 14.81
CA ILE B 231 -1.90 9.55 15.79
C ILE B 231 -2.08 9.03 17.20
N ASP B 232 -3.24 8.39 17.45
CA ASP B 232 -3.58 7.88 18.77
C ASP B 232 -2.58 6.82 19.22
N GLN B 233 -2.23 5.89 18.33
CA GLN B 233 -1.25 4.85 18.68
C GLN B 233 0.13 5.45 18.90
N ASN B 234 0.49 6.48 18.16
CA ASN B 234 1.77 7.13 18.39
C ASN B 234 1.76 7.96 19.66
N ASN B 235 0.62 8.51 20.06
CA ASN B 235 0.54 9.24 21.32
C ASN B 235 0.78 8.33 22.52
N GLN B 236 0.45 7.05 22.39
CA GLN B 236 0.55 6.07 23.46
C GLN B 236 1.87 5.32 23.49
N ASN B 237 2.71 5.47 22.45
CA ASN B 237 3.93 4.69 22.34
C ASN B 237 3.60 3.20 22.33
N SER B 238 2.63 2.84 21.50
CA SER B 238 2.21 1.45 21.38
C SER B 238 3.34 0.59 20.80
N ARG B 239 3.31 -0.70 21.14
CA ARG B 239 4.31 -1.68 20.71
C ARG B 239 3.77 -2.63 19.65
N LEU B 240 4.70 -3.34 19.00
CA LEU B 240 4.36 -4.27 17.93
C LEU B 240 3.32 -5.31 18.36
N ILE B 241 2.34 -5.55 17.49
CA ILE B 241 1.24 -6.44 17.79
C ILE B 241 1.54 -7.85 17.26
N ARG B 242 1.30 -8.84 18.10
CA ARG B 242 1.23 -10.23 17.67
C ARG B 242 -0.11 -10.80 18.15
N LEU B 243 -0.88 -11.36 17.24
CA LEU B 243 -2.18 -11.92 17.62
C LEU B 243 -1.99 -13.09 18.58
N TYR B 244 -2.77 -13.09 19.67
CA TYR B 244 -2.71 -14.18 20.64
C TYR B 244 -3.00 -15.52 19.97
N ASP B 245 -2.26 -16.55 20.38
CA ASP B 245 -2.40 -17.86 19.77
C ASP B 245 -3.80 -18.42 19.95
N TYR B 246 -4.43 -18.22 21.13
CA TYR B 246 -5.74 -18.81 21.33
C TYR B 246 -6.80 -18.17 20.43
N LEU B 247 -6.49 -17.06 19.77
CA LEU B 247 -7.41 -16.45 18.82
C LEU B 247 -7.28 -17.05 17.42
N ILE B 248 -6.42 -18.05 17.26
CA ILE B 248 -6.13 -18.65 15.96
C ILE B 248 -6.48 -20.12 16.04
N ASN B 249 -7.33 -20.58 15.12
CA ASN B 249 -7.60 -21.98 14.94
C ASN B 249 -6.50 -22.53 14.03
N TYR B 250 -5.53 -23.22 14.64
CA TYR B 250 -4.42 -23.80 13.90
C TYR B 250 -4.84 -25.16 13.36
N ALA B 251 -5.54 -25.14 12.22
CA ALA B 251 -5.95 -26.39 11.57
C ALA B 251 -4.85 -26.82 10.60
N VAL B 252 -3.66 -27.05 11.16
CA VAL B 252 -2.45 -27.21 10.38
C VAL B 252 -2.14 -28.68 10.24
N LYS B 253 -1.20 -29.00 9.34
CA LYS B 253 -0.74 -30.37 9.20
C LYS B 253 0.01 -30.77 10.45
N PRO B 254 0.00 -32.06 10.81
CA PRO B 254 0.83 -32.51 11.93
C PRO B 254 2.30 -32.35 11.60
N GLU B 255 3.11 -32.14 12.64
CA GLU B 255 4.55 -32.11 12.47
C GLU B 255 5.02 -33.41 11.82
N GLN B 256 5.81 -33.28 10.77
CA GLN B 256 6.28 -34.44 10.02
C GLN B 256 7.77 -34.31 9.71
N GLU B 257 8.43 -35.45 9.55
CA GLU B 257 9.81 -35.48 9.10
C GLU B 257 9.85 -35.23 7.59
N VAL B 258 10.85 -34.49 7.15
CA VAL B 258 11.02 -34.24 5.71
C VAL B 258 11.51 -35.52 5.03
N PRO B 259 10.87 -35.97 3.95
CA PRO B 259 11.37 -37.16 3.27
C PRO B 259 12.68 -36.92 2.55
N GLU B 260 13.50 -37.97 2.47
CA GLU B 260 14.77 -37.89 1.76
C GLU B 260 14.52 -37.46 0.32
N LYS B 261 15.42 -36.62 -0.19
CA LYS B 261 15.26 -36.08 -1.54
C LYS B 261 15.92 -36.99 -2.57
N VAL C 5 -13.82 -17.01 23.49
CA VAL C 5 -12.70 -17.90 23.22
C VAL C 5 -12.82 -18.46 21.80
N GLU C 6 -13.79 -17.98 21.03
CA GLU C 6 -13.93 -18.43 19.65
C GLU C 6 -12.83 -17.82 18.78
N PRO C 7 -12.17 -18.63 17.93
CA PRO C 7 -11.02 -18.09 17.16
C PRO C 7 -11.43 -16.93 16.27
N LEU C 8 -10.52 -15.97 16.13
CA LEU C 8 -10.73 -14.86 15.22
C LEU C 8 -10.45 -15.27 13.78
N ILE C 9 -9.47 -16.14 13.56
CA ILE C 9 -9.08 -16.61 12.24
C ILE C 9 -8.74 -18.09 12.28
N ARG C 10 -8.68 -18.68 11.10
CA ARG C 10 -8.32 -20.09 10.92
C ARG C 10 -7.22 -20.16 9.87
N THR C 11 -6.16 -20.91 10.18
CA THR C 11 -5.02 -21.08 9.30
C THR C 11 -4.75 -22.56 9.12
N THR C 12 -4.26 -22.95 7.93
CA THR C 12 -3.90 -24.34 7.68
C THR C 12 -2.48 -24.56 7.20
N ILE C 13 -1.73 -23.48 6.88
CA ILE C 13 -0.47 -23.67 6.15
C ILE C 13 0.78 -23.61 7.01
N SER C 14 0.72 -22.92 8.16
CA SER C 14 1.94 -22.72 8.92
C SER C 14 1.64 -22.50 10.39
N ASP C 15 2.69 -22.68 11.20
CA ASP C 15 2.59 -22.71 12.66
C ASP C 15 3.96 -22.39 13.23
N ASP C 16 4.02 -21.45 14.19
CA ASP C 16 5.28 -21.12 14.85
C ASP C 16 5.26 -21.40 16.35
N ARG C 17 4.31 -22.20 16.81
CA ARG C 17 4.22 -22.49 18.24
C ARG C 17 5.23 -23.53 18.71
N GLY C 18 5.81 -24.28 17.80
CA GLY C 18 6.81 -25.28 18.14
C GLY C 18 8.20 -24.70 18.22
N GLU C 19 9.20 -25.58 18.12
CA GLU C 19 10.59 -25.16 18.25
C GLU C 19 11.01 -24.24 17.11
N GLU C 20 10.44 -24.41 15.92
CA GLU C 20 10.68 -23.51 14.81
C GLU C 20 9.44 -23.51 13.93
N PRO C 21 9.30 -22.52 13.03
CA PRO C 21 8.13 -22.50 12.15
C PRO C 21 8.01 -23.77 11.32
N ARG C 22 6.78 -24.17 11.08
CA ARG C 22 6.46 -25.37 10.32
C ARG C 22 5.64 -24.98 9.11
N TYR C 23 6.12 -25.38 7.92
CA TYR C 23 5.42 -25.12 6.65
C TYR C 23 4.74 -26.42 6.22
N ALA C 24 3.41 -26.45 6.27
CA ALA C 24 2.66 -27.65 5.96
C ALA C 24 3.22 -28.85 6.72
N GLY C 25 3.64 -28.61 7.96
CA GLY C 25 4.13 -29.65 8.84
C GLY C 25 5.62 -29.86 8.85
N TYR C 26 6.37 -29.20 7.96
CA TYR C 26 7.80 -29.42 7.81
C TYR C 26 8.59 -28.24 8.39
N ALA C 27 9.66 -28.56 9.08
CA ALA C 27 10.56 -27.55 9.62
C ALA C 27 11.54 -27.07 8.55
N ALA C 28 11.75 -25.76 8.49
CA ALA C 28 12.61 -25.18 7.45
C ALA C 28 14.05 -25.66 7.58
N SER C 29 14.57 -25.74 8.81
CA SER C 29 15.96 -26.19 8.96
C SER C 29 16.14 -27.60 8.40
N GLU C 30 15.13 -28.45 8.55
CA GLU C 30 15.20 -29.81 8.03
C GLU C 30 15.05 -29.83 6.51
N LEU C 31 14.17 -28.98 5.97
CA LEU C 31 14.10 -28.83 4.51
C LEU C 31 15.46 -28.43 3.93
N CYS C 32 16.13 -27.48 4.56
CA CYS C 32 17.45 -27.05 4.10
C CYS C 32 18.45 -28.20 4.11
N SER C 33 18.53 -28.92 5.23
CA SER C 33 19.57 -29.94 5.38
C SER C 33 19.38 -31.10 4.41
N LYS C 34 18.16 -31.33 3.92
CA LYS C 34 17.91 -32.43 3.01
C LYS C 34 17.89 -32.01 1.54
N GLY C 35 18.30 -30.79 1.24
CA GLY C 35 18.55 -30.40 -0.13
C GLY C 35 17.41 -29.71 -0.85
N TYR C 36 16.31 -29.40 -0.16
CA TYR C 36 15.19 -28.73 -0.80
C TYR C 36 15.50 -27.24 -0.96
N GLY C 37 14.69 -26.57 -1.80
CA GLY C 37 14.96 -25.19 -2.16
C GLY C 37 13.80 -24.22 -2.01
N ILE C 38 13.97 -23.00 -2.48
CA ILE C 38 12.91 -21.99 -2.42
C ILE C 38 11.65 -22.50 -3.09
N GLU C 39 11.80 -23.17 -4.24
CA GLU C 39 10.65 -23.68 -4.98
C GLU C 39 9.84 -24.69 -4.17
N ASP C 40 10.50 -25.44 -3.29
CA ASP C 40 9.81 -26.43 -2.47
C ASP C 40 9.03 -25.75 -1.37
N VAL C 41 9.58 -24.67 -0.79
CA VAL C 41 8.86 -23.88 0.21
C VAL C 41 7.67 -23.17 -0.42
N ILE C 42 7.79 -22.75 -1.68
CA ILE C 42 6.64 -22.19 -2.39
C ILE C 42 5.53 -23.24 -2.48
N GLY C 43 5.88 -24.47 -2.88
CA GLY C 43 4.88 -25.51 -2.97
C GLY C 43 4.19 -25.82 -1.65
N LEU C 44 4.96 -25.82 -0.56
CA LEU C 44 4.38 -26.13 0.74
C LEU C 44 3.42 -25.03 1.21
N LEU C 45 3.82 -23.78 1.10
CA LEU C 45 3.02 -22.68 1.63
C LEU C 45 1.86 -22.29 0.73
N TRP C 46 1.94 -22.55 -0.59
CA TRP C 46 0.84 -22.21 -1.49
C TRP C 46 -0.06 -23.39 -1.82
N ASN C 47 0.43 -24.61 -1.65
CA ASN C 47 -0.32 -25.80 -2.03
C ASN C 47 -0.26 -26.91 -0.99
N LYS C 48 0.44 -26.71 0.11
CA LYS C 48 0.56 -27.71 1.18
C LYS C 48 1.03 -29.06 0.64
N LYS C 49 1.83 -29.03 -0.41
CA LYS C 49 2.38 -30.25 -1.00
C LYS C 49 3.81 -29.98 -1.45
N LEU C 50 4.69 -30.92 -1.14
CA LEU C 50 6.07 -30.88 -1.62
C LEU C 50 6.05 -31.15 -3.12
N PRO C 51 6.60 -30.28 -3.96
CA PRO C 51 6.57 -30.55 -5.41
C PRO C 51 7.45 -31.74 -5.78
N THR C 52 7.08 -32.41 -6.86
CA THR C 52 8.01 -33.35 -7.47
C THR C 52 9.22 -32.58 -7.99
N ARG C 53 10.30 -33.32 -8.32
CA ARG C 53 11.50 -32.64 -8.79
C ARG C 53 11.25 -31.88 -10.08
N GLU C 54 10.47 -32.46 -11.00
CA GLU C 54 10.19 -31.75 -12.24
C GLU C 54 9.30 -30.54 -12.00
N GLU C 55 8.31 -30.65 -11.10
CA GLU C 55 7.51 -29.48 -10.78
C GLU C 55 8.39 -28.37 -10.22
N SER C 56 9.33 -28.72 -9.34
CA SER C 56 10.22 -27.69 -8.77
C SER C 56 11.08 -27.04 -9.85
N GLU C 57 11.58 -27.84 -10.81
CA GLU C 57 12.39 -27.29 -11.89
C GLU C 57 11.60 -26.32 -12.74
N ILE C 58 10.30 -26.57 -12.91
CA ILE C 58 9.47 -25.66 -13.69
C ILE C 58 9.17 -24.39 -12.90
N ILE C 59 8.80 -24.54 -11.62
CA ILE C 59 8.55 -23.39 -10.77
C ILE C 59 9.76 -22.49 -10.72
N LYS C 60 10.96 -23.09 -10.55
CA LYS C 60 12.19 -22.32 -10.52
C LYS C 60 12.33 -21.45 -11.77
N ARG C 61 12.09 -22.04 -12.94
CA ARG C 61 12.29 -21.29 -14.18
C ARG C 61 11.24 -20.21 -14.36
N ILE C 62 10.01 -20.48 -13.95
CA ILE C 62 8.96 -19.47 -14.05
C ILE C 62 9.32 -18.24 -13.22
N VAL C 63 9.82 -18.46 -12.00
CA VAL C 63 10.17 -17.36 -11.12
C VAL C 63 11.37 -16.59 -11.69
N MET C 64 12.40 -17.31 -12.12
CA MET C 64 13.58 -16.65 -12.69
C MET C 64 13.20 -15.79 -13.89
N ILE C 65 12.38 -16.35 -14.79
CA ILE C 65 11.99 -15.63 -16.00
C ILE C 65 11.10 -14.43 -15.69
N SER C 66 10.35 -14.48 -14.59
CA SER C 66 9.40 -13.44 -14.28
C SER C 66 9.96 -12.37 -13.33
N ALA C 67 11.24 -12.46 -12.98
CA ALA C 67 11.78 -11.65 -11.89
C ALA C 67 11.76 -10.16 -12.21
N ASP C 68 11.98 -9.77 -13.45
CA ASP C 68 11.96 -8.34 -13.76
C ASP C 68 11.80 -8.12 -15.26
N HIS C 69 11.27 -6.95 -15.60
CA HIS C 69 11.11 -6.61 -17.00
C HIS C 69 11.57 -5.20 -17.30
N GLY C 70 12.53 -4.68 -16.53
CA GLY C 70 13.08 -3.39 -16.75
C GLY C 70 12.35 -2.34 -15.94
N PRO C 71 12.91 -1.13 -15.91
CA PRO C 71 12.36 -0.07 -15.05
C PRO C 71 11.14 0.65 -15.60
N ALA C 72 10.76 0.41 -16.86
CA ALA C 72 9.75 1.22 -17.50
C ALA C 72 8.33 0.74 -17.21
N VAL C 73 8.14 -0.50 -16.78
CA VAL C 73 6.79 -1.03 -16.57
C VAL C 73 6.28 -0.60 -15.20
N SER C 74 4.95 -0.69 -15.01
CA SER C 74 4.29 0.02 -13.91
C SER C 74 4.78 -0.43 -12.53
N GLY C 75 5.01 -1.73 -12.33
CA GLY C 75 5.43 -2.20 -11.01
C GLY C 75 6.81 -1.69 -10.63
N ALA C 76 7.80 -1.89 -11.50
CA ALA C 76 9.13 -1.36 -11.23
C ALA C 76 9.10 0.16 -11.12
N PHE C 77 8.39 0.82 -12.03
CA PHE C 77 8.40 2.28 -12.02
C PHE C 77 7.73 2.82 -10.78
N GLY C 78 6.65 2.16 -10.31
CA GLY C 78 6.07 2.53 -9.02
C GLY C 78 7.05 2.40 -7.87
N SER C 79 7.82 1.31 -7.84
CA SER C 79 8.83 1.16 -6.80
C SER C 79 9.94 2.20 -6.93
N ILE C 80 10.25 2.60 -8.15
CA ILE C 80 11.29 3.61 -8.39
C ILE C 80 10.81 4.99 -7.96
N LEU C 81 9.56 5.33 -8.29
CA LEU C 81 8.98 6.59 -7.83
C LEU C 81 9.05 6.70 -6.30
N ALA C 82 8.67 5.62 -5.61
CA ALA C 82 8.72 5.62 -4.14
C ALA C 82 10.15 5.69 -3.63
N ALA C 83 11.08 4.96 -4.25
CA ALA C 83 12.47 5.02 -3.84
C ALA C 83 13.00 6.44 -3.97
N CYS C 84 12.71 7.10 -5.10
CA CYS C 84 13.18 8.48 -5.32
C CYS C 84 12.49 9.49 -4.40
N ALA C 85 11.33 9.14 -3.85
CA ALA C 85 10.68 9.97 -2.84
C ALA C 85 11.21 9.68 -1.44
N GLY C 86 12.22 8.83 -1.31
CA GLY C 86 12.82 8.56 -0.01
C GLY C 86 12.10 7.52 0.82
N ILE C 87 11.19 6.78 0.23
CA ILE C 87 10.39 5.80 0.96
C ILE C 87 11.25 4.55 1.18
N ASP C 88 11.10 3.91 2.32
CA ASP C 88 11.88 2.71 2.63
C ASP C 88 11.43 1.54 1.78
N MET C 89 12.30 0.53 1.70
CA MET C 89 12.14 -0.55 0.73
C MET C 89 10.79 -1.26 0.82
N PRO C 90 10.35 -1.73 1.97
CA PRO C 90 9.12 -2.54 1.97
C PRO C 90 7.91 -1.74 1.50
N GLN C 91 7.82 -0.47 1.91
CA GLN C 91 6.69 0.35 1.53
C GLN C 91 6.78 0.74 0.05
N ALA C 92 8.00 1.00 -0.45
CA ALA C 92 8.18 1.29 -1.86
C ALA C 92 7.79 0.10 -2.74
N VAL C 93 8.22 -1.09 -2.35
CA VAL C 93 7.84 -2.28 -3.10
C VAL C 93 6.34 -2.52 -3.00
N SER C 94 5.73 -2.17 -1.86
CA SER C 94 4.28 -2.31 -1.73
C SER C 94 3.55 -1.45 -2.73
N ALA C 95 4.08 -0.26 -3.04
CA ALA C 95 3.44 0.60 -4.02
C ALA C 95 3.55 0.01 -5.41
N GLY C 96 4.71 -0.57 -5.76
CA GLY C 96 4.85 -1.24 -7.05
C GLY C 96 3.99 -2.48 -7.18
N MET C 97 3.92 -3.28 -6.11
CA MET C 97 3.06 -4.46 -6.12
C MET C 97 1.60 -4.11 -6.29
N THR C 98 1.17 -2.93 -5.78
CA THR C 98 -0.21 -2.50 -5.94
C THR C 98 -0.61 -2.34 -7.40
N MET C 99 0.36 -2.18 -8.32
CA MET C 99 0.09 -2.04 -9.74
C MET C 99 -0.31 -3.36 -10.39
N ILE C 100 -0.06 -4.48 -9.74
CA ILE C 100 -0.30 -5.79 -10.34
C ILE C 100 -1.78 -6.10 -10.26
N GLY C 101 -2.37 -6.42 -11.40
CA GLY C 101 -3.81 -6.60 -11.51
C GLY C 101 -4.19 -7.01 -12.89
N PRO C 102 -5.36 -6.55 -13.38
CA PRO C 102 -5.87 -7.08 -14.65
C PRO C 102 -5.01 -6.73 -15.85
N ARG C 103 -4.29 -5.61 -15.82
CA ARG C 103 -3.51 -5.17 -16.99
C ARG C 103 -2.01 -5.39 -16.84
N PHE C 104 -1.50 -5.38 -15.63
CA PHE C 104 -0.06 -5.57 -15.38
C PHE C 104 0.08 -6.88 -14.62
N GLY C 105 0.46 -7.93 -15.32
CA GLY C 105 0.57 -9.24 -14.76
C GLY C 105 -0.66 -10.12 -14.91
N GLY C 106 -1.83 -9.52 -15.10
CA GLY C 106 -3.06 -10.30 -15.13
C GLY C 106 -3.16 -11.27 -16.29
N ALA C 107 -2.42 -11.04 -17.37
CA ALA C 107 -2.50 -11.91 -18.53
C ALA C 107 -2.06 -13.33 -18.17
N VAL C 108 -1.15 -13.48 -17.19
CA VAL C 108 -0.73 -14.81 -16.78
C VAL C 108 -1.91 -15.61 -16.25
N THR C 109 -2.63 -15.04 -15.27
CA THR C 109 -3.78 -15.72 -14.68
C THR C 109 -4.87 -15.94 -15.71
N ASN C 110 -5.18 -14.91 -16.51
CA ASN C 110 -6.28 -15.03 -17.46
C ASN C 110 -5.98 -16.06 -18.55
N ALA C 111 -4.73 -16.07 -19.05
CA ALA C 111 -4.36 -17.08 -20.03
C ALA C 111 -4.59 -18.47 -19.48
N GLY C 112 -4.18 -18.71 -18.24
CA GLY C 112 -4.44 -20.01 -17.62
C GLY C 112 -5.92 -20.29 -17.47
N LYS C 113 -6.70 -19.30 -17.05
CA LYS C 113 -8.13 -19.51 -16.84
C LYS C 113 -8.84 -19.85 -18.15
N TYR C 114 -8.55 -19.10 -19.21
CA TYR C 114 -9.32 -19.26 -20.45
C TYR C 114 -8.82 -20.41 -21.31
N PHE C 115 -7.53 -20.75 -21.23
CA PHE C 115 -7.06 -21.94 -21.95
C PHE C 115 -7.49 -23.22 -21.24
N LYS C 116 -7.74 -23.16 -19.93
CA LYS C 116 -8.39 -24.29 -19.27
C LYS C 116 -9.83 -24.41 -19.75
N MET C 117 -10.55 -23.29 -19.78
CA MET C 117 -11.93 -23.30 -20.25
C MET C 117 -12.02 -23.77 -21.70
N ALA C 118 -11.02 -23.45 -22.53
CA ALA C 118 -11.01 -23.93 -23.90
C ALA C 118 -10.79 -25.43 -23.98
N VAL C 119 -9.90 -25.96 -23.13
CA VAL C 119 -9.60 -27.38 -23.14
C VAL C 119 -10.81 -28.20 -22.72
N GLU C 120 -11.65 -27.66 -21.84
CA GLU C 120 -12.79 -28.40 -21.30
C GLU C 120 -14.07 -28.17 -22.09
N ASP C 121 -14.24 -26.98 -22.68
CA ASP C 121 -15.47 -26.66 -23.40
C ASP C 121 -15.32 -26.62 -24.92
N TYR C 122 -14.09 -26.51 -25.43
CA TYR C 122 -13.88 -26.52 -26.88
C TYR C 122 -12.70 -27.41 -27.23
N PRO C 123 -12.67 -28.65 -26.75
CA PRO C 123 -11.48 -29.50 -26.98
C PRO C 123 -11.00 -29.54 -28.41
N ASN C 124 -11.91 -29.60 -29.38
CA ASN C 124 -11.55 -29.61 -30.80
C ASN C 124 -12.35 -28.56 -31.56
N ASP C 125 -12.58 -27.41 -30.92
CA ASP C 125 -13.35 -26.32 -31.53
C ASP C 125 -12.62 -25.01 -31.24
N ILE C 126 -11.40 -24.90 -31.77
CA ILE C 126 -10.62 -23.66 -31.61
C ILE C 126 -11.39 -22.47 -32.14
N PRO C 127 -12.03 -22.55 -33.33
CA PRO C 127 -12.81 -21.40 -33.80
C PRO C 127 -13.95 -21.03 -32.86
N GLY C 128 -14.63 -22.03 -32.28
CA GLY C 128 -15.63 -21.71 -31.28
C GLY C 128 -15.03 -21.03 -30.06
N PHE C 129 -13.85 -21.49 -29.65
CA PHE C 129 -13.14 -20.81 -28.56
C PHE C 129 -12.77 -19.39 -28.95
N LEU C 130 -12.09 -19.23 -30.10
CA LEU C 130 -11.71 -17.89 -30.54
C LEU C 130 -12.95 -17.03 -30.76
N SER C 131 -14.02 -17.62 -31.29
CA SER C 131 -15.26 -16.87 -31.50
C SER C 131 -15.89 -16.48 -30.17
N TRP C 132 -15.97 -17.42 -29.23
CA TRP C 132 -16.53 -17.09 -27.92
C TRP C 132 -15.68 -16.05 -27.20
N MET C 133 -14.36 -16.16 -27.32
CA MET C 133 -13.49 -15.19 -26.68
C MET C 133 -13.71 -13.79 -27.27
N LYS C 134 -13.77 -13.70 -28.60
CA LYS C 134 -13.98 -12.41 -29.23
C LYS C 134 -15.33 -11.81 -28.86
N LYS C 135 -16.33 -12.67 -28.63
CA LYS C 135 -17.67 -12.20 -28.28
C LYS C 135 -17.74 -11.73 -26.83
N ASN C 136 -17.18 -12.53 -25.91
CA ASN C 136 -17.43 -12.35 -24.48
C ASN C 136 -16.25 -11.79 -23.71
N VAL C 137 -15.05 -11.79 -24.28
CA VAL C 137 -13.85 -11.38 -23.56
C VAL C 137 -13.10 -10.31 -24.35
N GLY C 138 -12.90 -10.57 -25.64
CA GLY C 138 -12.11 -9.70 -26.48
C GLY C 138 -10.81 -10.35 -26.91
N PRO C 139 -9.69 -9.63 -26.79
CA PRO C 139 -8.40 -10.24 -27.12
C PRO C 139 -8.13 -11.45 -26.24
N VAL C 140 -7.44 -12.44 -26.83
CA VAL C 140 -7.10 -13.66 -26.12
C VAL C 140 -5.89 -13.38 -25.22
N PRO C 141 -6.02 -13.50 -23.90
CA PRO C 141 -4.84 -13.32 -23.03
C PRO C 141 -3.75 -14.33 -23.37
N GLY C 142 -2.50 -13.87 -23.36
CA GLY C 142 -1.38 -14.70 -23.71
C GLY C 142 -1.04 -14.75 -25.19
N ILE C 143 -1.85 -14.14 -26.04
CA ILE C 143 -1.60 -14.08 -27.48
C ILE C 143 -1.32 -12.63 -27.84
N GLY C 144 -0.29 -12.43 -28.67
CA GLY C 144 -0.01 -11.11 -29.18
C GLY C 144 1.24 -10.50 -28.55
N HIS C 145 1.96 -9.72 -29.35
CA HIS C 145 3.12 -8.98 -28.85
C HIS C 145 3.33 -7.77 -29.74
N ARG C 146 3.73 -6.65 -29.12
CA ARG C 146 3.92 -5.42 -29.89
C ARG C 146 5.18 -5.49 -30.75
N VAL C 147 6.16 -6.29 -30.34
CA VAL C 147 7.45 -6.36 -31.02
C VAL C 147 7.75 -7.76 -31.54
N LYS C 148 7.48 -8.79 -30.75
CA LYS C 148 7.80 -10.14 -31.19
C LYS C 148 6.76 -10.63 -32.18
N SER C 149 7.21 -11.50 -33.09
CA SER C 149 6.35 -12.00 -34.15
C SER C 149 6.99 -13.26 -34.73
N VAL C 150 6.37 -13.78 -35.79
CA VAL C 150 6.93 -14.93 -36.49
C VAL C 150 8.30 -14.58 -37.06
N LYS C 151 8.50 -13.32 -37.47
CA LYS C 151 9.79 -12.87 -37.98
C LYS C 151 10.79 -12.55 -36.87
N ASN C 152 10.32 -12.35 -35.64
CA ASN C 152 11.15 -11.97 -34.51
C ASN C 152 10.70 -12.76 -33.29
N PRO C 153 10.98 -14.07 -33.26
CA PRO C 153 10.38 -14.93 -32.24
C PRO C 153 10.93 -14.62 -30.86
N ASP C 154 10.17 -15.06 -29.85
CA ASP C 154 10.53 -14.86 -28.46
C ASP C 154 11.41 -16.00 -27.97
N GLN C 155 12.65 -15.67 -27.57
CA GLN C 155 13.58 -16.70 -27.13
C GLN C 155 13.13 -17.36 -25.83
N ARG C 156 12.43 -16.62 -24.96
CA ARG C 156 12.00 -17.20 -23.70
C ARG C 156 10.87 -18.19 -23.90
N VAL C 157 9.95 -17.90 -24.85
CA VAL C 157 8.90 -18.85 -25.19
C VAL C 157 9.51 -20.08 -25.85
N LYS C 158 10.41 -19.87 -26.81
CA LYS C 158 11.15 -21.00 -27.38
C LYS C 158 11.78 -21.84 -26.27
N TYR C 159 12.45 -21.18 -25.32
CA TYR C 159 13.11 -21.93 -24.27
C TYR C 159 12.11 -22.69 -23.39
N LEU C 160 11.07 -21.99 -22.90
CA LEU C 160 10.14 -22.60 -21.98
C LEU C 160 9.42 -23.78 -22.62
N VAL C 161 8.92 -23.60 -23.85
CA VAL C 161 8.24 -24.69 -24.54
C VAL C 161 9.20 -25.83 -24.79
N SER C 162 10.43 -25.50 -25.20
CA SER C 162 11.42 -26.55 -25.44
C SER C 162 11.75 -27.28 -24.14
N TYR C 163 11.93 -26.55 -23.03
CA TYR C 163 12.24 -27.19 -21.78
C TYR C 163 11.12 -28.14 -21.36
N ILE C 164 9.87 -27.68 -21.46
CA ILE C 164 8.74 -28.50 -21.05
C ILE C 164 8.71 -29.80 -21.85
N LYS C 165 8.88 -29.70 -23.16
CA LYS C 165 8.64 -30.86 -24.01
C LYS C 165 9.84 -31.80 -24.10
N ASN C 166 11.05 -31.28 -23.94
CA ASN C 166 12.24 -32.13 -24.08
C ASN C 166 12.89 -32.51 -22.77
N GLU C 167 12.69 -31.73 -21.70
CA GLU C 167 13.37 -31.99 -20.44
C GLU C 167 12.43 -32.42 -19.33
N THR C 168 11.13 -32.54 -19.60
CA THR C 168 10.19 -33.03 -18.59
C THR C 168 9.22 -34.01 -19.24
N SER C 169 8.47 -34.70 -18.39
CA SER C 169 7.43 -35.61 -18.85
C SER C 169 6.04 -35.04 -18.65
N LEU C 170 5.93 -33.74 -18.36
CA LEU C 170 4.65 -33.14 -18.04
C LEU C 170 3.73 -33.12 -19.26
N HIS C 171 2.48 -33.55 -19.04
CA HIS C 171 1.42 -33.37 -20.03
C HIS C 171 0.82 -31.98 -19.84
N THR C 172 0.80 -31.19 -20.92
CA THR C 172 0.40 -29.78 -20.85
C THR C 172 -0.73 -29.52 -21.84
N PRO C 173 -1.95 -29.99 -21.53
CA PRO C 173 -3.07 -29.74 -22.46
C PRO C 173 -3.30 -28.26 -22.73
N CYS C 174 -3.22 -27.42 -21.69
CA CYS C 174 -3.45 -25.99 -21.88
C CYS C 174 -2.38 -25.37 -22.78
N LEU C 175 -1.10 -25.65 -22.51
CA LEU C 175 -0.03 -25.14 -23.36
C LEU C 175 -0.13 -25.67 -24.78
N ASP C 176 -0.44 -26.95 -24.94
CA ASP C 176 -0.64 -27.52 -26.28
C ASP C 176 -1.77 -26.82 -27.00
N TYR C 177 -2.87 -26.53 -26.29
CA TYR C 177 -3.98 -25.81 -26.89
C TYR C 177 -3.52 -24.44 -27.37
N ALA C 178 -2.78 -23.72 -26.51
CA ALA C 178 -2.32 -22.38 -26.87
C ALA C 178 -1.39 -22.43 -28.07
N LEU C 179 -0.53 -23.46 -28.15
CA LEU C 179 0.37 -23.60 -29.29
C LEU C 179 -0.40 -23.86 -30.58
N GLU C 180 -1.54 -24.56 -30.51
CA GLU C 180 -2.35 -24.73 -31.70
C GLU C 180 -3.04 -23.43 -32.07
N VAL C 181 -3.56 -22.70 -31.08
CA VAL C 181 -4.14 -21.39 -31.36
C VAL C 181 -3.09 -20.49 -32.01
N GLU C 182 -1.83 -20.55 -31.52
CA GLU C 182 -0.78 -19.74 -32.13
C GLU C 182 -0.67 -19.99 -33.63
N LYS C 183 -0.80 -21.25 -34.06
CA LYS C 183 -0.74 -21.55 -35.49
C LYS C 183 -1.85 -20.85 -36.24
N VAL C 184 -3.06 -20.80 -35.65
CA VAL C 184 -4.18 -20.16 -36.32
C VAL C 184 -4.02 -18.64 -36.28
N THR C 185 -3.72 -18.09 -35.10
CA THR C 185 -3.70 -16.64 -34.96
C THR C 185 -2.56 -15.99 -35.74
N THR C 186 -1.38 -16.62 -35.77
CA THR C 186 -0.27 -16.03 -36.52
C THR C 186 -0.54 -15.99 -38.02
N ALA C 187 -1.42 -16.85 -38.53
CA ALA C 187 -1.77 -16.78 -39.95
C ALA C 187 -2.52 -15.49 -40.27
N LYS C 188 -3.34 -15.00 -39.34
CA LYS C 188 -4.00 -13.71 -39.53
C LYS C 188 -2.99 -12.56 -39.51
N LYS C 189 -2.13 -12.53 -38.49
CA LYS C 189 -1.21 -11.43 -38.30
C LYS C 189 0.03 -11.97 -37.59
N GLY C 190 1.21 -11.64 -38.13
CA GLY C 190 2.44 -12.26 -37.69
C GLY C 190 2.78 -12.04 -36.23
N ASN C 191 2.24 -10.99 -35.61
CA ASN C 191 2.57 -10.67 -34.23
C ASN C 191 1.61 -11.31 -33.23
N LEU C 192 0.68 -12.15 -33.68
CA LEU C 192 -0.24 -12.85 -32.79
C LEU C 192 0.38 -14.17 -32.32
N ILE C 193 1.56 -14.05 -31.71
CA ILE C 193 2.29 -15.21 -31.21
C ILE C 193 1.80 -15.55 -29.81
N LEU C 194 2.16 -16.74 -29.34
CA LEU C 194 2.06 -17.04 -27.91
C LEU C 194 3.16 -16.29 -27.18
N ASN C 195 2.78 -15.41 -26.25
CA ASN C 195 3.76 -14.61 -25.53
C ASN C 195 4.14 -15.29 -24.20
N VAL C 196 5.10 -14.70 -23.50
CA VAL C 196 5.62 -15.31 -22.29
C VAL C 196 4.55 -15.42 -21.22
N ASP C 197 3.67 -14.43 -21.13
CA ASP C 197 2.60 -14.50 -20.13
C ASP C 197 1.67 -15.67 -20.39
N GLY C 198 1.29 -15.89 -21.66
CA GLY C 198 0.44 -17.02 -21.97
C GLY C 198 1.14 -18.35 -21.73
N THR C 199 2.44 -18.43 -22.04
CA THR C 199 3.17 -19.67 -21.85
C THR C 199 3.20 -20.06 -20.37
N ILE C 200 3.56 -19.11 -19.50
CA ILE C 200 3.64 -19.40 -18.07
C ILE C 200 2.26 -19.70 -17.51
N GLY C 201 1.24 -18.92 -17.91
CA GLY C 201 -0.10 -19.17 -17.41
C GLY C 201 -0.60 -20.57 -17.73
N CYS C 202 -0.33 -21.03 -18.95
CA CYS C 202 -0.79 -22.38 -19.33
C CYS C 202 -0.04 -23.43 -18.54
N ILE C 203 1.28 -23.28 -18.39
CA ILE C 203 2.08 -24.26 -17.68
C ILE C 203 1.61 -24.37 -16.23
N LEU C 204 1.33 -23.25 -15.58
CA LEU C 204 0.87 -23.28 -14.20
C LEU C 204 -0.48 -24.00 -14.09
N MET C 205 -1.39 -23.77 -15.03
CA MET C 205 -2.64 -24.51 -15.03
C MET C 205 -2.41 -25.99 -15.25
N ASP C 206 -1.46 -26.34 -16.12
CA ASP C 206 -1.20 -27.76 -16.38
C ASP C 206 -0.52 -28.43 -15.20
N LEU C 207 0.11 -27.67 -14.30
CA LEU C 207 0.70 -28.25 -13.09
C LEU C 207 -0.32 -28.48 -11.98
N ASP C 208 -1.60 -28.19 -12.20
CA ASP C 208 -2.65 -28.46 -11.22
C ASP C 208 -2.52 -27.59 -9.97
N PHE C 209 -2.03 -26.37 -10.13
CA PHE C 209 -2.05 -25.40 -9.05
C PHE C 209 -3.45 -24.77 -8.96
N PRO C 210 -3.90 -24.43 -7.76
CA PRO C 210 -5.20 -23.74 -7.65
C PRO C 210 -5.19 -22.51 -8.54
N VAL C 211 -6.36 -22.24 -9.14
CA VAL C 211 -6.44 -21.16 -10.12
C VAL C 211 -6.08 -19.82 -9.50
N HIS C 212 -6.53 -19.59 -8.27
CA HIS C 212 -6.28 -18.31 -7.63
C HIS C 212 -4.88 -18.19 -7.05
N SER C 213 -4.06 -19.25 -7.14
CA SER C 213 -2.67 -19.16 -6.75
C SER C 213 -1.76 -18.73 -7.88
N LEU C 214 -2.23 -18.79 -9.12
CA LEU C 214 -1.38 -18.54 -10.28
C LEU C 214 -0.75 -17.16 -10.23
N ASN C 215 -1.49 -16.15 -9.79
CA ASN C 215 -0.94 -14.81 -9.70
C ASN C 215 0.23 -14.73 -8.75
N GLY C 216 0.33 -15.66 -7.80
CA GLY C 216 1.40 -15.63 -6.82
C GLY C 216 2.77 -15.72 -7.45
N PHE C 217 2.90 -16.48 -8.53
CA PHE C 217 4.21 -16.64 -9.16
C PHE C 217 4.70 -15.33 -9.74
N PHE C 218 3.80 -14.56 -10.35
CA PHE C 218 4.17 -13.24 -10.88
C PHE C 218 4.42 -12.25 -9.74
N VAL C 219 3.55 -12.24 -8.72
CA VAL C 219 3.73 -11.33 -7.60
C VAL C 219 5.08 -11.58 -6.93
N LEU C 220 5.38 -12.84 -6.61
CA LEU C 220 6.62 -13.15 -5.92
C LEU C 220 7.82 -12.79 -6.80
N ALA C 221 7.81 -13.25 -8.06
CA ALA C 221 8.95 -13.04 -8.93
C ALA C 221 9.25 -11.56 -9.10
N ARG C 222 8.22 -10.75 -9.41
CA ARG C 222 8.48 -9.34 -9.65
C ARG C 222 8.88 -8.59 -8.39
N THR C 223 8.60 -9.14 -7.21
CA THR C 223 9.12 -8.56 -5.97
C THR C 223 10.64 -8.58 -5.96
N ILE C 224 11.24 -9.60 -6.57
CA ILE C 224 12.70 -9.63 -6.70
C ILE C 224 13.18 -8.42 -7.47
N GLY C 225 12.58 -8.16 -8.63
CA GLY C 225 12.96 -7.01 -9.44
C GLY C 225 12.68 -5.68 -8.76
N MET C 226 11.53 -5.58 -8.10
CA MET C 226 11.19 -4.30 -7.45
C MET C 226 12.12 -3.98 -6.31
N ILE C 227 12.51 -4.99 -5.53
CA ILE C 227 13.55 -4.80 -4.53
C ILE C 227 14.84 -4.36 -5.20
N GLY C 228 15.20 -5.00 -6.30
CA GLY C 228 16.42 -4.60 -7.02
C GLY C 228 16.39 -3.14 -7.45
N HIS C 229 15.26 -2.69 -8.01
CA HIS C 229 15.19 -1.30 -8.45
C HIS C 229 15.25 -0.33 -7.28
N TRP C 230 14.62 -0.66 -6.16
CA TRP C 230 14.74 0.17 -4.97
C TRP C 230 16.21 0.30 -4.55
N ILE C 231 16.92 -0.82 -4.52
CA ILE C 231 18.34 -0.79 -4.14
C ILE C 231 19.14 0.04 -5.12
N ASP C 232 18.87 -0.15 -6.41
CA ASP C 232 19.59 0.54 -7.48
C ASP C 232 19.44 2.06 -7.34
N GLN C 233 18.22 2.54 -7.12
CA GLN C 233 17.99 3.97 -6.96
C GLN C 233 18.64 4.51 -5.70
N ASN C 234 18.65 3.72 -4.64
CA ASN C 234 19.30 4.16 -3.41
C ASN C 234 20.81 4.19 -3.56
N ASN C 235 21.37 3.28 -4.37
CA ASN C 235 22.80 3.34 -4.65
C ASN C 235 23.19 4.60 -5.40
N GLN C 236 22.28 5.15 -6.20
CA GLN C 236 22.56 6.32 -7.02
C GLN C 236 22.23 7.63 -6.32
N ASN C 237 21.56 7.58 -5.17
CA ASN C 237 21.08 8.79 -4.50
C ASN C 237 20.15 9.59 -5.43
N SER C 238 19.20 8.90 -6.03
CA SER C 238 18.25 9.57 -6.91
C SER C 238 17.38 10.53 -6.12
N ARG C 239 16.88 11.55 -6.81
CA ARG C 239 16.07 12.61 -6.20
C ARG C 239 14.60 12.48 -6.58
N LEU C 240 13.77 13.22 -5.83
CA LEU C 240 12.33 13.19 -6.00
C LEU C 240 11.96 13.46 -7.46
N ILE C 241 11.03 12.67 -7.96
CA ILE C 241 10.63 12.75 -9.35
C ILE C 241 9.41 13.65 -9.49
N ARG C 242 9.43 14.52 -10.49
CA ARG C 242 8.23 15.21 -10.96
C ARG C 242 8.18 14.97 -12.46
N LEU C 243 7.07 14.43 -12.94
CA LEU C 243 6.90 14.22 -14.37
C LEU C 243 7.03 15.55 -15.11
N TYR C 244 7.81 15.55 -16.20
CA TYR C 244 7.98 16.75 -17.01
C TYR C 244 6.63 17.25 -17.52
N ASP C 245 6.45 18.57 -17.53
CA ASP C 245 5.18 19.14 -17.97
C ASP C 245 4.87 18.76 -19.42
N TYR C 246 5.89 18.74 -20.29
CA TYR C 246 5.62 18.40 -21.68
C TYR C 246 5.16 16.95 -21.84
N LEU C 247 5.22 16.13 -20.82
CA LEU C 247 4.70 14.77 -20.88
C LEU C 247 3.23 14.68 -20.49
N ILE C 248 2.59 15.80 -20.17
CA ILE C 248 1.22 15.82 -19.68
C ILE C 248 0.39 16.69 -20.61
N ASN C 249 -0.71 16.12 -21.10
CA ASN C 249 -1.73 16.87 -21.84
C ASN C 249 -2.68 17.49 -20.82
N TYR C 250 -2.52 18.80 -20.59
CA TYR C 250 -3.37 19.53 -19.64
C TYR C 250 -4.65 19.97 -20.34
N ALA C 251 -5.61 19.06 -20.41
CA ALA C 251 -6.92 19.36 -21.00
C ALA C 251 -7.86 19.90 -19.91
N VAL C 252 -7.44 21.01 -19.33
CA VAL C 252 -8.05 21.52 -18.11
C VAL C 252 -9.00 22.66 -18.47
N LYS C 253 -9.80 23.08 -17.48
CA LYS C 253 -10.67 24.22 -17.66
C LYS C 253 -9.87 25.51 -17.80
N PRO C 254 -10.40 26.50 -18.52
CA PRO C 254 -9.74 27.81 -18.52
C PRO C 254 -9.78 28.43 -17.12
N GLU C 255 -8.77 29.23 -16.82
CA GLU C 255 -8.76 29.96 -15.55
C GLU C 255 -10.03 30.81 -15.46
N GLN C 256 -10.73 30.71 -14.33
CA GLN C 256 -11.98 31.43 -14.12
C GLN C 256 -12.00 32.04 -12.73
N GLU C 257 -12.74 33.13 -12.61
CA GLU C 257 -13.01 33.75 -11.33
C GLU C 257 -14.07 32.94 -10.58
N VAL C 258 -13.91 32.83 -9.27
CA VAL C 258 -14.88 32.08 -8.45
C VAL C 258 -16.16 32.89 -8.35
N PRO C 259 -17.33 32.31 -8.62
CA PRO C 259 -18.58 33.08 -8.47
C PRO C 259 -18.90 33.31 -7.00
N GLU C 260 -19.55 34.45 -6.75
CA GLU C 260 -19.99 34.77 -5.39
C GLU C 260 -20.94 33.70 -4.89
N LYS C 261 -20.86 33.42 -3.59
CA LYS C 261 -21.66 32.34 -2.99
C LYS C 261 -23.00 32.85 -2.52
N ILE D 4 -8.65 -11.89 32.54
CA ILE D 4 -8.15 -13.15 32.01
C ILE D 4 -7.44 -12.92 30.69
N VAL D 5 -7.90 -11.93 29.93
CA VAL D 5 -7.33 -11.61 28.62
C VAL D 5 -6.83 -10.17 28.65
N GLU D 6 -5.52 -10.01 28.50
CA GLU D 6 -4.94 -8.68 28.38
C GLU D 6 -5.37 -8.08 27.03
N PRO D 7 -5.88 -6.85 27.01
CA PRO D 7 -6.29 -6.27 25.72
C PRO D 7 -5.15 -6.28 24.71
N LEU D 8 -5.52 -6.45 23.44
CA LEU D 8 -4.53 -6.43 22.36
C LEU D 8 -4.13 -5.01 22.00
N ILE D 9 -5.10 -4.07 22.03
CA ILE D 9 -4.82 -2.68 21.69
C ILE D 9 -5.59 -1.75 22.62
N ARG D 10 -5.14 -0.50 22.65
N ARG D 10 -5.15 -0.50 22.65
CA ARG D 10 -5.80 0.55 23.41
CA ARG D 10 -5.80 0.56 23.42
C ARG D 10 -6.13 1.68 22.46
C ARG D 10 -6.11 1.72 22.50
N THR D 11 -7.35 2.18 22.53
CA THR D 11 -7.80 3.30 21.69
C THR D 11 -8.44 4.36 22.57
N THR D 12 -8.23 5.63 22.21
CA THR D 12 -8.84 6.70 22.98
C THR D 12 -9.79 7.59 22.18
N ILE D 13 -9.83 7.47 20.85
CA ILE D 13 -10.44 8.52 20.05
C ILE D 13 -11.86 8.22 19.60
N SER D 14 -12.27 6.96 19.53
CA SER D 14 -13.55 6.61 18.97
C SER D 14 -14.05 5.27 19.52
N ASP D 15 -15.36 5.07 19.41
CA ASP D 15 -16.07 3.96 20.01
C ASP D 15 -17.35 3.75 19.22
N ASP D 16 -17.64 2.51 18.81
CA ASP D 16 -18.85 2.21 18.07
C ASP D 16 -19.74 1.22 18.80
N ARG D 17 -19.51 1.00 20.10
CA ARG D 17 -20.31 0.03 20.84
C ARG D 17 -21.68 0.57 21.24
N GLY D 18 -21.89 1.88 21.20
CA GLY D 18 -23.15 2.49 21.55
C GLY D 18 -24.12 2.55 20.38
N GLU D 19 -25.08 3.47 20.49
CA GLU D 19 -26.12 3.59 19.47
C GLU D 19 -25.54 4.01 18.13
N GLU D 20 -24.50 4.85 18.13
CA GLU D 20 -23.79 5.18 16.91
C GLU D 20 -22.35 5.49 17.27
N PRO D 21 -21.45 5.54 16.29
CA PRO D 21 -20.05 5.88 16.60
C PRO D 21 -19.95 7.22 17.31
N ARG D 22 -18.99 7.29 18.23
CA ARG D 22 -18.71 8.48 19.03
C ARG D 22 -17.28 8.93 18.76
N TYR D 23 -17.13 10.19 18.40
CA TYR D 23 -15.82 10.78 18.14
C TYR D 23 -15.46 11.65 19.35
N ALA D 24 -14.47 11.23 20.13
CA ALA D 24 -14.10 11.93 21.34
C ALA D 24 -15.33 12.19 22.20
N GLY D 25 -16.24 11.22 22.24
CA GLY D 25 -17.42 11.29 23.06
C GLY D 25 -18.65 11.86 22.38
N TYR D 26 -18.53 12.38 21.16
CA TYR D 26 -19.64 13.07 20.51
C TYR D 26 -20.22 12.21 19.38
N ALA D 27 -21.55 12.20 19.27
CA ALA D 27 -22.21 11.48 18.19
C ALA D 27 -22.18 12.30 16.91
N ALA D 28 -21.85 11.65 15.80
CA ALA D 28 -21.73 12.37 14.53
C ALA D 28 -23.05 12.99 14.11
N SER D 29 -24.15 12.27 14.29
CA SER D 29 -25.44 12.82 13.89
C SER D 29 -25.75 14.10 14.68
N GLU D 30 -25.36 14.14 15.94
CA GLU D 30 -25.59 15.32 16.76
C GLU D 30 -24.65 16.46 16.35
N LEU D 31 -23.39 16.13 15.99
CA LEU D 31 -22.50 17.16 15.45
C LEU D 31 -23.08 17.78 14.18
N CYS D 32 -23.61 16.95 13.29
CA CYS D 32 -24.23 17.44 12.07
C CYS D 32 -25.41 18.36 12.39
N SER D 33 -26.30 17.90 13.28
CA SER D 33 -27.53 18.65 13.53
C SER D 33 -27.27 20.00 14.17
N LYS D 34 -26.14 20.17 14.83
CA LYS D 34 -25.83 21.43 15.50
C LYS D 34 -24.88 22.32 14.70
N GLY D 35 -24.64 21.98 13.44
CA GLY D 35 -23.97 22.88 12.53
C GLY D 35 -22.47 22.69 12.40
N TYR D 36 -21.90 21.67 13.02
CA TYR D 36 -20.47 21.44 12.92
C TYR D 36 -20.14 20.81 11.58
N GLY D 37 -18.86 20.79 11.25
CA GLY D 37 -18.43 20.36 9.94
C GLY D 37 -17.33 19.33 9.92
N ILE D 38 -16.82 19.05 8.71
CA ILE D 38 -15.73 18.10 8.53
C ILE D 38 -14.52 18.51 9.37
N GLU D 39 -14.22 19.82 9.39
CA GLU D 39 -13.07 20.33 10.13
C GLU D 39 -13.19 20.06 11.61
N ASP D 40 -14.41 20.05 12.14
CA ASP D 40 -14.59 19.76 13.56
C ASP D 40 -14.36 18.29 13.85
N VAL D 41 -14.80 17.41 12.94
CA VAL D 41 -14.54 15.99 13.10
C VAL D 41 -13.04 15.70 13.02
N ILE D 42 -12.32 16.46 12.18
CA ILE D 42 -10.86 16.34 12.13
C ILE D 42 -10.25 16.67 13.49
N GLY D 43 -10.68 17.78 14.09
CA GLY D 43 -10.16 18.14 15.41
C GLY D 43 -10.44 17.10 16.47
N LEU D 44 -11.65 16.51 16.43
CA LEU D 44 -12.02 15.53 17.44
C LEU D 44 -11.20 14.25 17.31
N LEU D 45 -11.10 13.72 16.10
CA LEU D 45 -10.43 12.43 15.89
C LEU D 45 -8.92 12.52 15.88
N TRP D 46 -8.34 13.70 15.57
CA TRP D 46 -6.88 13.82 15.58
C TRP D 46 -6.32 14.45 16.84
N ASN D 47 -7.14 15.16 17.62
CA ASN D 47 -6.67 15.85 18.81
C ASN D 47 -7.64 15.76 19.99
N LYS D 48 -8.79 15.09 19.83
CA LYS D 48 -9.77 14.92 20.90
C LYS D 48 -10.20 16.26 21.49
N LYS D 49 -10.24 17.31 20.66
CA LYS D 49 -10.67 18.63 21.08
C LYS D 49 -11.54 19.25 20.00
N LEU D 50 -12.66 19.82 20.43
CA LEU D 50 -13.53 20.56 19.51
C LEU D 50 -12.89 21.89 19.16
N PRO D 51 -12.69 22.20 17.86
CA PRO D 51 -12.14 23.51 17.52
C PRO D 51 -13.16 24.62 17.84
N THR D 52 -12.63 25.80 18.15
CA THR D 52 -13.46 26.99 18.10
C THR D 52 -13.85 27.27 16.64
N ARG D 53 -14.82 28.18 16.45
CA ARG D 53 -15.24 28.49 15.09
C ARG D 53 -14.08 29.06 14.27
N GLU D 54 -13.27 29.91 14.89
CA GLU D 54 -12.14 30.51 14.17
C GLU D 54 -11.10 29.46 13.83
N GLU D 55 -10.82 28.55 14.77
CA GLU D 55 -9.90 27.45 14.48
C GLU D 55 -10.45 26.58 13.35
N SER D 56 -11.75 26.32 13.37
CA SER D 56 -12.38 25.51 12.34
C SER D 56 -12.26 26.15 10.96
N GLU D 57 -12.38 27.48 10.89
CA GLU D 57 -12.22 28.17 9.61
C GLU D 57 -10.81 28.02 9.06
N ILE D 58 -9.81 27.97 9.94
CA ILE D 58 -8.43 27.82 9.49
C ILE D 58 -8.17 26.40 9.00
N ILE D 59 -8.64 25.40 9.75
CA ILE D 59 -8.50 24.01 9.34
C ILE D 59 -9.13 23.81 7.95
N LYS D 60 -10.32 24.37 7.75
CA LYS D 60 -10.99 24.31 6.46
C LYS D 60 -10.09 24.81 5.33
N ARG D 61 -9.49 25.98 5.53
CA ARG D 61 -8.71 26.60 4.47
C ARG D 61 -7.43 25.81 4.21
N ILE D 62 -6.82 25.26 5.26
CA ILE D 62 -5.61 24.46 5.10
C ILE D 62 -5.90 23.24 4.24
N VAL D 63 -7.02 22.56 4.48
CA VAL D 63 -7.34 21.38 3.69
C VAL D 63 -7.63 21.76 2.25
N MET D 64 -8.40 22.83 2.03
CA MET D 64 -8.72 23.27 0.67
C MET D 64 -7.46 23.62 -0.12
N ILE D 65 -6.55 24.36 0.50
CA ILE D 65 -5.34 24.78 -0.19
C ILE D 65 -4.44 23.59 -0.49
N SER D 66 -4.51 22.54 0.31
CA SER D 66 -3.62 21.39 0.17
C SER D 66 -4.21 20.25 -0.66
N ALA D 67 -5.41 20.42 -1.24
CA ALA D 67 -6.13 19.28 -1.80
C ALA D 67 -5.43 18.66 -3.00
N ASP D 68 -4.74 19.46 -3.82
CA ASP D 68 -4.07 18.89 -4.98
C ASP D 68 -3.03 19.86 -5.51
N HIS D 69 -2.04 19.29 -6.21
CA HIS D 69 -0.99 20.11 -6.81
C HIS D 69 -0.69 19.67 -8.24
N GLY D 70 -1.69 19.12 -8.94
CA GLY D 70 -1.52 18.74 -10.32
C GLY D 70 -1.08 17.30 -10.45
N PRO D 71 -1.14 16.77 -11.69
CA PRO D 71 -0.87 15.33 -11.90
C PRO D 71 0.60 14.96 -11.96
N ALA D 72 1.51 15.93 -11.98
CA ALA D 72 2.92 15.65 -12.23
C ALA D 72 3.69 15.22 -10.99
N VAL D 73 3.18 15.53 -9.79
CA VAL D 73 3.91 15.20 -8.57
C VAL D 73 3.63 13.75 -8.18
N SER D 74 4.50 13.23 -7.30
CA SER D 74 4.60 11.78 -7.12
C SER D 74 3.33 11.15 -6.58
N GLY D 75 2.66 11.82 -5.63
CA GLY D 75 1.45 11.24 -5.07
C GLY D 75 0.35 11.10 -6.10
N ALA D 76 0.06 12.19 -6.81
CA ALA D 76 -0.96 12.13 -7.86
C ALA D 76 -0.55 11.16 -8.96
N PHE D 77 0.71 11.19 -9.36
CA PHE D 77 1.15 10.37 -10.49
C PHE D 77 1.12 8.89 -10.13
N GLY D 78 1.46 8.55 -8.88
CA GLY D 78 1.31 7.18 -8.43
C GLY D 78 -0.12 6.70 -8.51
N SER D 79 -1.08 7.55 -8.12
CA SER D 79 -2.47 7.17 -8.23
C SER D 79 -2.90 7.06 -9.68
N ILE D 80 -2.35 7.89 -10.55
CA ILE D 80 -2.66 7.83 -11.97
C ILE D 80 -2.10 6.54 -12.58
N LEU D 81 -0.86 6.21 -12.24
CA LEU D 81 -0.24 4.96 -12.70
C LEU D 81 -1.12 3.76 -12.35
N ALA D 82 -1.59 3.69 -11.09
CA ALA D 82 -2.44 2.57 -10.68
C ALA D 82 -3.80 2.62 -11.38
N ALA D 83 -4.39 3.81 -11.52
CA ALA D 83 -5.66 3.90 -12.25
C ALA D 83 -5.51 3.36 -13.66
N CYS D 84 -4.46 3.75 -14.35
CA CYS D 84 -4.22 3.30 -15.71
C CYS D 84 -3.86 1.82 -15.77
N ALA D 85 -3.42 1.23 -14.68
CA ALA D 85 -3.23 -0.22 -14.61
C ALA D 85 -4.52 -0.96 -14.26
N GLY D 86 -5.66 -0.28 -14.19
CA GLY D 86 -6.92 -0.95 -13.90
C GLY D 86 -7.17 -1.22 -12.42
N ILE D 87 -6.43 -0.58 -11.52
CA ILE D 87 -6.57 -0.83 -10.09
C ILE D 87 -7.73 -0.02 -9.54
N ASP D 88 -8.47 -0.60 -8.59
CA ASP D 88 -9.62 0.07 -8.00
C ASP D 88 -9.19 1.28 -7.18
N MET D 89 -10.14 2.18 -6.93
CA MET D 89 -9.81 3.47 -6.33
C MET D 89 -9.08 3.36 -5.00
N PRO D 90 -9.54 2.59 -4.01
CA PRO D 90 -8.85 2.64 -2.71
C PRO D 90 -7.40 2.17 -2.78
N GLN D 91 -7.14 1.10 -3.54
CA GLN D 91 -5.78 0.59 -3.65
C GLN D 91 -4.91 1.53 -4.48
N ALA D 92 -5.48 2.13 -5.54
CA ALA D 92 -4.73 3.09 -6.35
C ALA D 92 -4.34 4.32 -5.53
N VAL D 93 -5.26 4.86 -4.74
CA VAL D 93 -4.94 6.03 -3.91
C VAL D 93 -3.90 5.64 -2.86
N SER D 94 -3.97 4.40 -2.37
CA SER D 94 -3.01 3.95 -1.37
C SER D 94 -1.59 3.93 -1.94
N ALA D 95 -1.43 3.63 -3.24
CA ALA D 95 -0.11 3.66 -3.85
C ALA D 95 0.40 5.10 -3.96
N GLY D 96 -0.45 6.03 -4.34
CA GLY D 96 -0.06 7.43 -4.36
C GLY D 96 0.26 7.95 -2.96
N MET D 97 -0.55 7.56 -1.98
CA MET D 97 -0.30 7.98 -0.60
C MET D 97 1.03 7.47 -0.08
N THR D 98 1.46 6.28 -0.54
CA THR D 98 2.75 5.75 -0.11
C THR D 98 3.91 6.65 -0.51
N MET D 99 3.71 7.55 -1.49
CA MET D 99 4.79 8.45 -1.90
C MET D 99 5.01 9.58 -0.88
N ILE D 100 4.06 9.81 0.01
CA ILE D 100 4.14 10.94 0.93
C ILE D 100 5.10 10.57 2.06
N GLY D 101 6.06 11.43 2.30
CA GLY D 101 7.10 11.13 3.28
C GLY D 101 8.09 12.27 3.42
N PRO D 102 9.36 11.91 3.66
CA PRO D 102 10.34 12.96 3.99
C PRO D 102 10.56 13.97 2.87
N ARG D 103 10.37 13.57 1.60
CA ARG D 103 10.62 14.44 0.47
C ARG D 103 9.35 15.02 -0.15
N PHE D 104 8.24 14.28 -0.09
CA PHE D 104 6.97 14.70 -0.69
C PHE D 104 5.98 14.93 0.45
N GLY D 105 5.74 16.20 0.78
CA GLY D 105 4.89 16.56 1.90
C GLY D 105 5.62 16.85 3.20
N GLY D 106 6.87 16.38 3.34
CA GLY D 106 7.58 16.45 4.60
C GLY D 106 7.86 17.86 5.11
N ALA D 107 7.82 18.87 4.23
CA ALA D 107 8.17 20.22 4.67
C ALA D 107 7.19 20.78 5.70
N VAL D 108 5.93 20.37 5.64
CA VAL D 108 4.95 20.86 6.62
C VAL D 108 5.35 20.45 8.03
N THR D 109 5.62 19.16 8.22
CA THR D 109 5.99 18.66 9.55
C THR D 109 7.30 19.30 10.03
N ASN D 110 8.31 19.38 9.15
CA ASN D 110 9.61 19.91 9.57
C ASN D 110 9.53 21.38 9.92
N ALA D 111 8.81 22.17 9.11
CA ALA D 111 8.64 23.58 9.41
C ALA D 111 7.99 23.77 10.78
N GLY D 112 6.92 23.00 11.05
CA GLY D 112 6.26 23.12 12.34
C GLY D 112 7.16 22.71 13.50
N LYS D 113 7.94 21.65 13.31
CA LYS D 113 8.80 21.17 14.38
C LYS D 113 9.88 22.21 14.73
N TYR D 114 10.53 22.77 13.70
CA TYR D 114 11.67 23.65 13.95
C TYR D 114 11.24 25.07 14.30
N PHE D 115 10.10 25.54 13.82
CA PHE D 115 9.62 26.86 14.22
C PHE D 115 9.04 26.84 15.63
N LYS D 116 8.53 25.69 16.10
CA LYS D 116 8.19 25.58 17.51
C LYS D 116 9.45 25.60 18.37
N MET D 117 10.47 24.85 17.96
CA MET D 117 11.73 24.88 18.68
C MET D 117 12.31 26.29 18.72
N ALA D 118 12.09 27.07 17.65
CA ALA D 118 12.57 28.45 17.63
C ALA D 118 11.83 29.31 18.65
N VAL D 119 10.52 29.09 18.78
CA VAL D 119 9.73 29.88 19.74
C VAL D 119 10.16 29.57 21.16
N GLU D 120 10.60 28.34 21.44
CA GLU D 120 10.96 27.94 22.79
C GLU D 120 12.43 28.14 23.11
N ASP D 121 13.31 28.04 22.13
CA ASP D 121 14.75 28.12 22.36
C ASP D 121 15.38 29.42 21.87
N TYR D 122 14.72 30.17 20.99
CA TYR D 122 15.22 31.44 20.50
C TYR D 122 14.10 32.48 20.48
N PRO D 123 13.42 32.71 21.60
CA PRO D 123 12.23 33.59 21.56
C PRO D 123 12.45 34.93 20.87
N ASN D 124 13.59 35.57 21.12
CA ASN D 124 13.92 36.85 20.50
C ASN D 124 15.31 36.82 19.90
N ASP D 125 15.68 35.67 19.31
CA ASP D 125 17.00 35.48 18.74
C ASP D 125 16.89 34.81 17.37
N ILE D 126 16.27 35.53 16.42
CA ILE D 126 16.15 35.00 15.06
C ILE D 126 17.51 34.71 14.45
N PRO D 127 18.51 35.60 14.55
CA PRO D 127 19.83 35.25 14.00
C PRO D 127 20.41 33.99 14.63
N GLY D 128 20.22 33.81 15.94
CA GLY D 128 20.68 32.59 16.58
C GLY D 128 19.97 31.36 16.06
N PHE D 129 18.66 31.47 15.81
CA PHE D 129 17.92 30.35 15.26
C PHE D 129 18.44 30.00 13.86
N LEU D 130 18.55 31.00 12.99
CA LEU D 130 19.04 30.75 11.64
C LEU D 130 20.43 30.15 11.67
N SER D 131 21.27 30.60 12.60
CA SER D 131 22.62 30.07 12.72
C SER D 131 22.60 28.59 13.11
N TRP D 132 21.77 28.24 14.09
CA TRP D 132 21.66 26.84 14.49
C TRP D 132 21.11 25.98 13.36
N MET D 133 20.14 26.50 12.60
CA MET D 133 19.57 25.71 11.51
C MET D 133 20.60 25.36 10.46
N LYS D 134 21.42 26.34 10.05
CA LYS D 134 22.42 26.07 9.02
C LYS D 134 23.45 25.05 9.50
N LYS D 135 23.74 25.01 10.80
CA LYS D 135 24.74 24.08 11.32
C LYS D 135 24.22 22.66 11.39
N ASN D 136 23.00 22.47 11.89
CA ASN D 136 22.48 21.16 12.22
C ASN D 136 21.42 20.64 11.26
N VAL D 137 20.86 21.51 10.42
CA VAL D 137 19.76 21.11 9.53
C VAL D 137 20.08 21.49 8.10
N GLY D 138 20.49 22.74 7.88
CA GLY D 138 20.70 23.27 6.55
C GLY D 138 19.66 24.32 6.22
N PRO D 139 19.05 24.22 5.04
CA PRO D 139 17.98 25.17 4.69
C PRO D 139 16.84 25.07 5.69
N VAL D 140 16.19 26.21 5.94
CA VAL D 140 15.07 26.26 6.87
C VAL D 140 13.82 25.72 6.16
N PRO D 141 13.21 24.65 6.65
CA PRO D 141 11.96 24.19 6.04
C PRO D 141 10.88 25.26 6.11
N GLY D 142 10.15 25.43 5.02
CA GLY D 142 9.14 26.45 4.90
C GLY D 142 9.64 27.77 4.37
N ILE D 143 10.95 27.92 4.20
CA ILE D 143 11.56 29.13 3.66
C ILE D 143 12.16 28.79 2.29
N GLY D 144 11.91 29.63 1.31
CA GLY D 144 12.46 29.44 -0.01
C GLY D 144 11.40 29.04 -1.02
N HIS D 145 11.56 29.51 -2.25
CA HIS D 145 10.67 29.15 -3.35
C HIS D 145 11.44 29.27 -4.66
N ARG D 146 11.17 28.34 -5.59
CA ARG D 146 11.91 28.30 -6.84
C ARG D 146 11.54 29.45 -7.77
N VAL D 147 10.31 29.95 -7.68
CA VAL D 147 9.80 30.95 -8.60
C VAL D 147 9.37 32.22 -7.87
N LYS D 148 8.73 32.08 -6.72
CA LYS D 148 8.20 33.21 -5.97
C LYS D 148 9.33 33.95 -5.25
N SER D 149 9.07 35.22 -4.96
CA SER D 149 10.08 36.08 -4.35
C SER D 149 9.37 37.17 -3.53
N VAL D 150 10.13 38.12 -3.00
CA VAL D 150 9.56 39.17 -2.17
C VAL D 150 8.54 39.98 -2.95
N LYS D 151 8.90 40.42 -4.16
CA LYS D 151 8.02 41.24 -4.96
C LYS D 151 7.08 40.42 -5.83
N ASN D 152 7.06 39.09 -5.65
CA ASN D 152 6.04 38.24 -6.26
C ASN D 152 5.74 37.09 -5.30
N PRO D 153 5.14 37.40 -4.15
CA PRO D 153 4.97 36.38 -3.10
C PRO D 153 3.89 35.37 -3.47
N ASP D 154 3.83 34.31 -2.68
CA ASP D 154 2.84 33.25 -2.90
C ASP D 154 1.50 33.76 -2.40
N GLN D 155 0.51 33.81 -3.31
CA GLN D 155 -0.79 34.37 -2.97
C GLN D 155 -1.46 33.56 -1.87
N ARG D 156 -1.17 32.26 -1.79
CA ARG D 156 -1.79 31.42 -0.76
C ARG D 156 -1.24 31.76 0.62
N VAL D 157 0.06 32.05 0.71
CA VAL D 157 0.65 32.51 1.95
C VAL D 157 0.07 33.87 2.34
N LYS D 158 0.03 34.80 1.39
CA LYS D 158 -0.57 36.10 1.65
C LYS D 158 -1.97 35.94 2.23
N TYR D 159 -2.78 35.09 1.60
CA TYR D 159 -4.16 34.93 2.04
C TYR D 159 -4.24 34.33 3.44
N LEU D 160 -3.53 33.21 3.66
CA LEU D 160 -3.63 32.52 4.94
C LEU D 160 -3.18 33.42 6.09
N VAL D 161 -2.04 34.10 5.93
CA VAL D 161 -1.55 34.99 6.96
C VAL D 161 -2.53 36.13 7.19
N SER D 162 -3.08 36.69 6.11
CA SER D 162 -4.04 37.77 6.23
C SER D 162 -5.31 37.31 6.92
N TYR D 163 -5.84 36.14 6.53
CA TYR D 163 -7.09 35.67 7.11
C TYR D 163 -6.95 35.46 8.62
N ILE D 164 -5.85 34.82 9.04
CA ILE D 164 -5.70 34.48 10.45
C ILE D 164 -5.36 35.71 11.27
N LYS D 165 -4.77 36.74 10.65
CA LYS D 165 -4.45 37.97 11.36
C LYS D 165 -5.66 38.88 11.51
N ASN D 166 -6.52 38.94 10.51
CA ASN D 166 -7.60 39.91 10.44
C ASN D 166 -8.98 39.34 10.73
N GLU D 167 -9.19 38.03 10.54
CA GLU D 167 -10.50 37.43 10.71
C GLU D 167 -10.58 36.52 11.93
N THR D 168 -9.50 36.40 12.70
CA THR D 168 -9.53 35.64 13.94
C THR D 168 -8.72 36.41 14.99
N SER D 169 -8.89 35.99 16.24
CA SER D 169 -8.12 36.52 17.36
C SER D 169 -7.10 35.51 17.86
N LEU D 170 -6.80 34.48 17.07
CA LEU D 170 -5.89 33.44 17.51
C LEU D 170 -4.48 33.99 17.70
N HIS D 171 -3.80 33.51 18.72
CA HIS D 171 -2.40 33.81 18.97
C HIS D 171 -1.56 32.82 18.16
N THR D 172 -0.69 33.35 17.30
CA THR D 172 0.08 32.53 16.36
C THR D 172 1.56 32.80 16.51
N PRO D 173 2.16 32.37 17.63
CA PRO D 173 3.60 32.61 17.83
C PRO D 173 4.48 32.01 16.75
N CYS D 174 4.23 30.76 16.34
CA CYS D 174 5.08 30.14 15.33
C CYS D 174 4.98 30.89 14.01
N LEU D 175 3.76 31.19 13.55
CA LEU D 175 3.59 31.94 12.32
C LEU D 175 4.26 33.31 12.44
N ASP D 176 4.08 33.99 13.58
CA ASP D 176 4.70 35.29 13.75
C ASP D 176 6.22 35.18 13.67
N TYR D 177 6.78 34.15 14.30
CA TYR D 177 8.22 33.94 14.23
C TYR D 177 8.67 33.74 12.79
N ALA D 178 7.94 32.91 12.04
CA ALA D 178 8.30 32.67 10.64
C ALA D 178 8.22 33.96 9.81
N LEU D 179 7.21 34.79 10.06
CA LEU D 179 7.09 36.05 9.31
C LEU D 179 8.23 37.00 9.63
N GLU D 180 8.74 36.97 10.88
CA GLU D 180 9.91 37.78 11.21
C GLU D 180 11.16 37.19 10.57
N VAL D 181 11.30 35.86 10.60
CA VAL D 181 12.41 35.21 9.92
C VAL D 181 12.40 35.57 8.44
N GLU D 182 11.21 35.61 7.83
CA GLU D 182 11.10 35.97 6.43
C GLU D 182 11.79 37.29 6.13
N LYS D 183 11.64 38.27 7.03
CA LYS D 183 12.32 39.55 6.83
C LYS D 183 13.83 39.37 6.77
N VAL D 184 14.38 38.50 7.61
CA VAL D 184 15.82 38.31 7.65
C VAL D 184 16.29 37.57 6.40
N THR D 185 15.63 36.46 6.06
CA THR D 185 16.09 35.64 4.95
C THR D 185 15.93 36.38 3.63
N THR D 186 14.80 37.08 3.46
CA THR D 186 14.59 37.83 2.22
C THR D 186 15.61 38.96 2.08
N ALA D 187 16.15 39.44 3.21
CA ALA D 187 17.23 40.42 3.15
C ALA D 187 18.51 39.81 2.58
N LYS D 188 18.67 38.49 2.73
CA LYS D 188 19.84 37.82 2.17
C LYS D 188 19.60 37.46 0.71
N LYS D 189 18.43 36.89 0.41
CA LYS D 189 18.14 36.38 -0.93
C LYS D 189 16.64 36.56 -1.17
N GLY D 190 16.30 37.17 -2.31
CA GLY D 190 14.92 37.59 -2.53
C GLY D 190 13.91 36.47 -2.56
N ASN D 191 14.35 35.26 -2.92
CA ASN D 191 13.44 34.14 -3.06
C ASN D 191 13.29 33.31 -1.79
N LEU D 192 13.90 33.75 -0.69
CA LEU D 192 13.76 33.03 0.59
C LEU D 192 12.53 33.52 1.36
N ILE D 193 11.39 33.43 0.68
CA ILE D 193 10.12 33.84 1.26
C ILE D 193 9.58 32.70 2.11
N LEU D 194 8.59 33.03 2.95
CA LEU D 194 7.82 32.00 3.63
C LEU D 194 6.90 31.34 2.61
N ASN D 195 7.04 30.02 2.43
CA ASN D 195 6.23 29.30 1.47
C ASN D 195 5.03 28.66 2.16
N VAL D 196 4.15 28.07 1.35
CA VAL D 196 2.88 27.58 1.84
C VAL D 196 3.08 26.44 2.84
N ASP D 197 4.10 25.60 2.62
CA ASP D 197 4.36 24.51 3.57
C ASP D 197 4.75 25.06 4.93
N GLY D 198 5.61 26.09 4.97
CA GLY D 198 5.98 26.69 6.23
C GLY D 198 4.82 27.40 6.91
N THR D 199 3.97 28.07 6.13
CA THR D 199 2.83 28.76 6.69
C THR D 199 1.88 27.76 7.35
N ILE D 200 1.56 26.67 6.64
CA ILE D 200 0.64 25.68 7.17
C ILE D 200 1.24 24.97 8.38
N GLY D 201 2.52 24.60 8.30
CA GLY D 201 3.14 23.94 9.44
C GLY D 201 3.12 24.77 10.70
N CYS D 202 3.39 26.08 10.58
CA CYS D 202 3.41 26.97 11.74
C CYS D 202 2.01 27.18 12.30
N ILE D 203 1.02 27.38 11.42
CA ILE D 203 -0.35 27.60 11.88
C ILE D 203 -0.84 26.38 12.65
N LEU D 204 -0.55 25.18 12.16
CA LEU D 204 -1.00 23.97 12.82
C LEU D 204 -0.41 23.83 14.22
N MET D 205 0.87 24.19 14.37
CA MET D 205 1.48 24.17 15.70
C MET D 205 0.79 25.19 16.61
N ASP D 206 0.44 26.35 16.07
CA ASP D 206 -0.22 27.37 16.87
C ASP D 206 -1.64 26.94 17.23
N LEU D 207 -2.22 26.01 16.48
CA LEU D 207 -3.51 25.43 16.83
C LEU D 207 -3.37 24.31 17.86
N ASP D 208 -2.16 24.08 18.37
CA ASP D 208 -1.89 23.10 19.41
C ASP D 208 -2.08 21.66 18.93
N PHE D 209 -1.80 21.40 17.64
CA PHE D 209 -1.74 20.02 17.17
C PHE D 209 -0.36 19.43 17.44
N PRO D 210 -0.30 18.15 17.83
CA PRO D 210 1.01 17.50 18.02
C PRO D 210 1.85 17.54 16.75
N VAL D 211 3.17 17.54 16.94
CA VAL D 211 4.09 17.59 15.81
C VAL D 211 3.84 16.42 14.85
N HIS D 212 3.59 15.24 15.40
CA HIS D 212 3.43 14.06 14.55
C HIS D 212 2.07 13.99 13.90
N SER D 213 1.15 14.91 14.21
CA SER D 213 -0.13 14.99 13.53
C SER D 213 -0.11 15.92 12.31
N LEU D 214 0.91 16.78 12.18
CA LEU D 214 0.89 17.81 11.16
C LEU D 214 0.73 17.21 9.77
N ASN D 215 1.41 16.09 9.52
CA ASN D 215 1.35 15.42 8.24
C ASN D 215 -0.05 14.97 7.88
N GLY D 216 -0.94 14.81 8.87
CA GLY D 216 -2.27 14.34 8.56
C GLY D 216 -3.01 15.30 7.65
N PHE D 217 -2.78 16.61 7.82
CA PHE D 217 -3.47 17.59 7.00
C PHE D 217 -3.08 17.44 5.54
N PHE D 218 -1.79 17.18 5.26
CA PHE D 218 -1.36 16.95 3.88
C PHE D 218 -1.88 15.62 3.34
N VAL D 219 -1.77 14.55 4.14
CA VAL D 219 -2.25 13.24 3.72
C VAL D 219 -3.75 13.27 3.42
N LEU D 220 -4.55 13.83 4.34
CA LEU D 220 -5.99 13.87 4.10
C LEU D 220 -6.32 14.72 2.88
N ALA D 221 -5.78 15.94 2.83
CA ALA D 221 -6.11 16.85 1.73
C ALA D 221 -5.73 16.25 0.37
N ARG D 222 -4.52 15.72 0.26
CA ARG D 222 -4.08 15.17 -1.02
C ARG D 222 -4.85 13.91 -1.39
N THR D 223 -5.48 13.23 -0.42
CA THR D 223 -6.35 12.13 -0.76
C THR D 223 -7.53 12.61 -1.61
N ILE D 224 -8.01 13.85 -1.36
CA ILE D 224 -9.05 14.42 -2.21
C ILE D 224 -8.59 14.47 -3.66
N GLY D 225 -7.40 15.03 -3.88
CA GLY D 225 -6.89 15.14 -5.24
C GLY D 225 -6.58 13.78 -5.87
N MET D 226 -6.02 12.87 -5.10
CA MET D 226 -5.66 11.57 -5.65
C MET D 226 -6.91 10.80 -6.06
N ILE D 227 -7.98 10.89 -5.26
CA ILE D 227 -9.27 10.34 -5.67
C ILE D 227 -9.72 11.00 -6.97
N GLY D 228 -9.58 12.32 -7.05
CA GLY D 228 -9.99 13.03 -8.26
C GLY D 228 -9.24 12.55 -9.49
N HIS D 229 -7.93 12.34 -9.37
CA HIS D 229 -7.15 11.88 -10.51
C HIS D 229 -7.52 10.47 -10.91
N TRP D 230 -7.82 9.61 -9.94
CA TRP D 230 -8.30 8.27 -10.25
C TRP D 230 -9.60 8.34 -11.04
N ILE D 231 -10.55 9.20 -10.60
CA ILE D 231 -11.81 9.35 -11.30
C ILE D 231 -11.57 9.89 -12.71
N ASP D 232 -10.67 10.87 -12.82
CA ASP D 232 -10.38 11.50 -14.11
C ASP D 232 -9.85 10.47 -15.10
N GLN D 233 -8.90 9.65 -14.68
CA GLN D 233 -8.34 8.65 -15.58
C GLN D 233 -9.39 7.60 -15.97
N ASN D 234 -10.27 7.25 -15.04
CA ASN D 234 -11.32 6.30 -15.38
C ASN D 234 -12.36 6.92 -16.30
N ASN D 235 -12.62 8.23 -16.18
CA ASN D 235 -13.52 8.89 -17.12
C ASN D 235 -12.98 8.86 -18.54
N GLN D 236 -11.66 8.86 -18.69
CA GLN D 236 -11.03 8.89 -20.00
C GLN D 236 -10.75 7.50 -20.56
N ASN D 237 -10.91 6.46 -19.77
CA ASN D 237 -10.53 5.10 -20.19
C ASN D 237 -9.07 5.05 -20.62
N SER D 238 -8.20 5.63 -19.79
CA SER D 238 -6.78 5.63 -20.10
C SER D 238 -6.22 4.21 -20.09
N ARG D 239 -5.11 4.03 -20.81
CA ARG D 239 -4.48 2.73 -21.02
C ARG D 239 -3.28 2.56 -20.08
N LEU D 240 -2.82 1.32 -19.95
CA LEU D 240 -1.67 1.00 -19.13
C LEU D 240 -0.47 1.85 -19.54
N ILE D 241 0.24 2.38 -18.55
CA ILE D 241 1.36 3.28 -18.81
C ILE D 241 2.66 2.47 -18.81
N ARG D 242 3.46 2.68 -19.85
CA ARG D 242 4.86 2.26 -19.86
C ARG D 242 5.72 3.50 -20.11
N LEU D 243 6.69 3.75 -19.24
CA LEU D 243 7.54 4.93 -19.43
C LEU D 243 8.35 4.80 -20.73
N TYR D 244 8.35 5.86 -21.53
CA TYR D 244 9.08 5.85 -22.80
C TYR D 244 10.56 5.56 -22.56
N ASP D 245 11.14 4.73 -23.43
CA ASP D 245 12.55 4.36 -23.26
C ASP D 245 13.47 5.57 -23.31
N TYR D 246 13.15 6.56 -24.14
CA TYR D 246 14.03 7.72 -24.21
C TYR D 246 14.03 8.54 -22.93
N LEU D 247 13.12 8.27 -21.99
CA LEU D 247 13.14 8.91 -20.69
C LEU D 247 13.99 8.17 -19.66
N ILE D 248 14.66 7.10 -20.06
CA ILE D 248 15.42 6.25 -19.15
C ILE D 248 16.87 6.21 -19.60
N ASN D 249 17.79 6.52 -18.70
CA ASN D 249 19.22 6.32 -18.92
C ASN D 249 19.56 4.88 -18.53
N TYR D 250 19.71 4.03 -19.53
CA TYR D 250 20.06 2.61 -19.31
C TYR D 250 21.57 2.49 -19.16
N ALA D 251 22.05 2.73 -17.96
CA ALA D 251 23.46 2.58 -17.64
C ALA D 251 23.73 1.15 -17.14
N VAL D 252 23.47 0.19 -18.02
CA VAL D 252 23.46 -1.21 -17.66
C VAL D 252 24.77 -1.88 -18.05
N LYS D 253 24.97 -3.10 -17.53
CA LYS D 253 26.12 -3.91 -17.90
C LYS D 253 25.96 -4.36 -19.35
N PRO D 254 27.06 -4.56 -20.07
CA PRO D 254 26.96 -5.11 -21.42
C PRO D 254 26.44 -6.54 -21.38
N GLU D 255 25.71 -6.92 -22.41
CA GLU D 255 25.22 -8.28 -22.51
C GLU D 255 26.39 -9.27 -22.54
N GLN D 256 26.28 -10.30 -21.71
CA GLN D 256 27.33 -11.31 -21.58
C GLN D 256 26.68 -12.69 -21.59
N GLU D 257 27.46 -13.67 -22.02
CA GLU D 257 27.05 -15.06 -21.96
C GLU D 257 27.17 -15.55 -20.53
N VAL D 258 26.20 -16.36 -20.12
CA VAL D 258 26.24 -16.94 -18.76
C VAL D 258 27.35 -17.98 -18.69
N PRO D 259 28.22 -17.94 -17.69
CA PRO D 259 29.26 -18.98 -17.59
C PRO D 259 28.67 -20.32 -17.20
N GLU D 260 29.32 -21.38 -17.68
CA GLU D 260 28.90 -22.73 -17.32
C GLU D 260 28.95 -22.90 -15.82
N LYS D 261 28.03 -23.70 -15.29
CA LYS D 261 27.88 -23.89 -13.86
C LYS D 261 28.61 -25.13 -13.38
N1A ACO E . 21.74 -7.83 24.75
C2A ACO E . 22.84 -7.75 25.50
N3A ACO E . 22.94 -7.65 26.83
C4A ACO E . 21.73 -7.62 27.40
C5A ACO E . 20.51 -7.67 26.76
C6A ACO E . 20.53 -7.78 25.34
N6A ACO E . 19.43 -7.86 24.59
N7A ACO E . 19.47 -7.60 27.66
C8A ACO E . 20.07 -7.51 28.82
N9A ACO E . 21.44 -7.51 28.74
C1B ACO E . 22.39 -7.45 29.84
C2B ACO E . 22.31 -6.15 30.66
O2B ACO E . 23.14 -5.16 30.10
C3B ACO E . 22.86 -6.65 32.00
O3B ACO E . 24.29 -6.77 31.93
P3B ACO E . 25.34 -5.68 32.51
O7A ACO E . 26.73 -6.04 32.13
O8A ACO E . 24.90 -4.32 31.94
O9A ACO E . 25.11 -5.65 34.03
C4B ACO E . 22.27 -8.06 32.11
O4B ACO E . 22.11 -8.50 30.75
C5B ACO E . 20.95 -8.16 32.84
O5B ACO E . 20.01 -7.29 32.19
P1A ACO E . 18.57 -7.00 32.87
O1A ACO E . 17.58 -6.53 31.89
O2A ACO E . 18.84 -6.04 34.03
O3A ACO E . 18.14 -8.40 33.52
P2A ACO E . 17.44 -8.82 34.89
O4A ACO E . 18.00 -10.08 35.41
O5A ACO E . 17.53 -7.63 35.84
O6A ACO E . 15.87 -8.99 34.52
CCP ACO E . 15.31 -8.00 33.64
H2A ACO E . 23.79 -7.79 24.97
H61A ACO E . 18.51 -7.84 24.99
H62A ACO E . 19.49 -7.94 23.58
H8A ACO E . 19.53 -7.44 29.77
H1B ACO E . 23.38 -7.62 29.43
H2B ACO E . 21.31 -5.76 30.76
HO2A ACO E . 22.59 -4.34 29.94
H3B ACO E . 22.58 -6.01 32.84
HOA8 ACO E . 25.53 -3.81 31.37
HOA9 ACO E . 25.80 -5.50 34.73
H4B ACO E . 23.00 -8.76 32.51
H51A ACO E . 20.99 -7.85 33.88
H52A ACO E . 20.52 -9.15 32.83
HOA2 ACO E . 18.69 -5.06 33.96
HOA5 ACO E . 17.72 -7.57 36.81
P PO4 F . 8.80 -12.44 13.36
O1 PO4 F . 7.92 -12.92 12.26
O2 PO4 F . 10.25 -12.50 12.94
O3 PO4 F . 8.47 -11.01 13.76
O4 PO4 F . 8.56 -13.32 14.60
C1 GOL G . -7.84 -5.11 -5.05
C1 GOL G . -7.78 -3.52 -6.67
O1 GOL G . -8.89 -6.02 -4.90
O1 GOL G . -8.01 -3.54 -8.03
C2 GOL G . -8.28 -4.06 -6.10
C2 GOL G . -7.86 -4.98 -6.15
O2 GOL G . -7.75 -2.80 -5.82
O2 GOL G . -6.96 -5.19 -5.10
C3 GOL G . -7.78 -4.56 -7.45
C3 GOL G . -9.29 -5.22 -5.67
O3 GOL G . -7.98 -3.50 -8.35
O3 GOL G . -9.22 -6.23 -4.70
H11 GOL G . -7.02 -5.54 -5.37
H11 GOL G . -8.43 -2.98 -6.20
H12 GOL G . -7.61 -4.66 -4.23
H12 GOL G . -6.92 -3.15 -6.44
HO1 GOL G . -9.17 -5.92 -4.10
HO1 GOL G . -8.84 -3.44 -8.14
H2 GOL G . -9.25 -3.99 -6.08
H2 GOL G . -7.63 -5.58 -6.87
HO2 GOL G . -8.41 -2.26 -5.71
HO2 GOL G . -6.55 -5.93 -5.25
H31 GOL G . -8.27 -5.37 -7.69
H31 GOL G . -9.84 -5.46 -6.44
H32 GOL G . -6.86 -4.83 -7.37
H32 GOL G . -9.66 -4.39 -5.35
HO3 GOL G . -8.82 -3.43 -8.47
HO3 GOL G . -9.84 -6.78 -4.87
C1 GOL H . 25.33 -12.58 -24.94
O1 GOL H . 24.36 -13.50 -24.49
C2 GOL H . 25.03 -12.32 -26.41
O2 GOL H . 23.92 -11.50 -26.58
C3 GOL H . 26.32 -11.69 -26.98
O3 GOL H . 26.48 -10.38 -26.45
H11 GOL H . 26.23 -12.92 -24.85
H12 GOL H . 25.31 -11.75 -24.45
HO1 GOL H . 24.53 -13.66 -23.67
H2 GOL H . 24.83 -13.15 -26.87
HO2 GOL H . 23.98 -10.86 -26.01
H31 GOL H . 26.26 -11.70 -27.96
H32 GOL H . 27.07 -12.28 -26.77
HO3 GOL H . 25.83 -9.91 -26.75
C1 GOL I . 19.79 -16.58 -25.32
O1 GOL I . 20.88 -17.28 -24.80
C2 GOL I . 20.19 -15.09 -25.26
O2 GOL I . 21.36 -14.86 -25.98
C3 GOL I . 18.97 -14.34 -25.82
O3 GOL I . 19.31 -12.97 -25.80
H11 GOL I . 18.98 -16.71 -24.82
H12 GOL I . 19.59 -16.82 -26.23
HO1 GOL I . 21.58 -16.84 -24.97
H2 GOL I . 20.38 -14.82 -24.35
HO2 GOL I . 21.31 -14.06 -26.31
H31 GOL I . 18.19 -14.55 -25.30
H32 GOL I . 18.78 -14.66 -26.72
HO3 GOL I . 18.67 -12.56 -25.41
C1 GOL J . 11.28 -8.51 15.74
O1 GOL J . 10.07 -8.91 16.35
C2 GOL J . 11.35 -9.19 14.37
O2 GOL J . 10.26 -8.87 13.58
C3 GOL J . 12.71 -8.75 13.71
O3 GOL J . 12.88 -7.41 13.96
H11 GOL J . 12.06 -8.75 16.27
H12 GOL J . 11.33 -7.55 15.64
HO1 GOL J . 9.52 -9.08 15.72
H2 GOL J . 11.35 -10.15 14.48
HO2 GOL J . 9.71 -9.51 13.62
H31 GOL J . 12.67 -8.96 12.77
H32 GOL J . 13.41 -9.30 14.07
HO3 GOL J . 12.30 -6.99 13.50
C1 GOL K . 25.59 -21.62 17.37
O1 GOL K . 25.81 -22.95 17.03
C2 GOL K . 25.27 -21.59 18.87
O2 GOL K . 25.55 -20.35 19.41
C3 GOL K . 23.78 -21.96 19.01
O3 GOL K . 23.09 -20.79 19.35
H11 GOL K . 24.84 -21.24 16.87
H12 GOL K . 26.34 -21.05 17.18
HO1 GOL K . 26.02 -22.97 16.21
H2 GOL K . 25.82 -22.23 19.35
HO2 GOL K . 26.09 -20.47 20.07
H31 GOL K . 23.69 -22.67 19.66
H32 GOL K . 23.47 -22.34 18.17
HO3 GOL K . 23.67 -20.23 19.61
C1 GOL L . 13.39 -16.50 10.64
O1 GOL L . 12.55 -16.29 11.72
C2 GOL L . 13.26 -15.26 9.73
O2 GOL L . 11.97 -15.08 9.31
C3 GOL L . 13.79 -14.09 10.58
O3 GOL L . 14.89 -13.57 9.89
H11 GOL L . 13.16 -17.30 10.14
H12 GOL L . 14.33 -16.61 10.91
HO1 GOL L . 11.89 -15.85 11.43
H2 GOL L . 13.80 -15.35 8.93
HO2 GOL L . 11.99 -14.67 8.57
H31 GOL L . 14.01 -14.42 11.46
H32 GOL L . 13.07 -13.46 10.72
HO3 GOL L . 15.32 -13.10 10.44
C1 GOL M . 26.63 1.33 -8.36
O1 GOL M . 26.18 0.02 -8.17
C2 GOL M . 25.66 1.99 -9.36
O2 GOL M . 24.36 2.00 -8.90
C3 GOL M . 26.22 3.41 -9.56
O3 GOL M . 25.36 4.03 -10.45
H11 GOL M . 27.53 1.37 -8.72
H12 GOL M . 26.65 1.85 -7.55
HO1 GOL M . 26.71 -0.33 -7.62
H2 GOL M . 25.64 1.51 -10.20
HO2 GOL M . 24.31 1.45 -8.25
H31 GOL M . 27.13 3.34 -9.88
H32 GOL M . 26.27 3.84 -8.69
HO3 GOL M . 25.05 4.72 -10.04
C1 GOL N . 32.78 -17.16 -1.83
O1 GOL N . 33.41 -16.36 -0.86
C2 GOL N . 33.57 -18.48 -1.84
O2 GOL N . 33.30 -19.27 -0.71
C3 GOL N . 33.17 -19.18 -3.16
O3 GOL N . 32.49 -20.36 -2.83
H11 GOL N . 32.78 -16.76 -2.71
H12 GOL N . 31.85 -17.34 -1.62
HO1 GOL N . 33.01 -15.61 -0.88
H2 GOL N . 34.53 -18.31 -1.82
HO2 GOL N . 32.97 -20.01 -0.98
H31 GOL N . 33.98 -19.33 -3.68
H32 GOL N . 32.64 -18.56 -3.68
HO3 GOL N . 32.77 -20.95 -3.37
NA NA O . -5.18 -12.60 -7.44
NA NA P . 13.63 -1.88 -19.99
NA NA Q . -15.41 0.06 18.13
P PO4 R . -17.85 -0.51 8.98
O1 PO4 R . -18.60 0.36 8.01
O2 PO4 R . -17.51 -1.83 8.34
O3 PO4 R . -18.72 -0.80 10.20
O4 PO4 R . -16.62 0.21 9.42
NA NA S . -37.89 11.90 -3.25
P PO4 T . 5.42 -6.69 -18.22
O1 PO4 T . 5.94 -6.68 -19.65
O2 PO4 T . 6.53 -6.29 -17.30
O3 PO4 T . 4.27 -5.72 -18.12
O4 PO4 T . 4.96 -8.08 -17.86
C1 GOL U . 7.39 4.24 6.49
O1 GOL U . 7.84 4.13 7.81
C2 GOL U . 8.62 4.07 5.61
O2 GOL U . 8.34 3.89 4.27
C3 GOL U . 9.44 5.33 5.76
O3 GOL U . 9.82 5.66 4.46
H11 GOL U . 6.98 5.10 6.30
H12 GOL U . 6.72 3.58 6.25
HO1 GOL U . 7.66 3.33 8.05
H2 GOL U . 9.10 3.27 5.91
HO2 GOL U . 8.71 3.18 4.01
H31 GOL U . 10.19 5.17 6.36
H32 GOL U . 8.91 6.01 6.19
HO3 GOL U . 9.12 5.59 3.98
C1 GOL V . 6.13 -13.36 -16.63
O1 GOL V . 4.89 -13.52 -17.26
C2 GOL V . 6.68 -12.01 -17.06
O2 GOL V . 7.92 -11.74 -16.52
C3 GOL V . 6.71 -12.06 -18.59
O3 GOL V . 7.71 -11.17 -19.04
H11 GOL V . 6.76 -14.05 -16.87
H12 GOL V . 6.06 -13.38 -15.67
HO1 GOL V . 4.43 -12.84 -17.06
H2 GOL V . 6.10 -11.29 -16.75
HO2 GOL V . 8.43 -11.51 -17.16
H31 GOL V . 5.83 -11.84 -18.93
H32 GOL V . 6.87 -12.98 -18.87
HO3 GOL V . 7.33 -10.62 -19.56
NA NA W . 14.73 -0.72 3.93
NA NA X . 14.58 5.18 3.00
N1A ACO Y . 16.63 29.05 4.65
C2A ACO Y . 17.43 29.88 5.32
N3A ACO Y . 18.56 30.46 4.91
C4A ACO Y . 18.86 30.11 3.66
C5A ACO Y . 18.12 29.27 2.83
C6A ACO Y . 16.94 28.72 3.38
N6A ACO Y . 16.12 27.89 2.71
N7A ACO Y . 18.73 29.14 1.59
C8A ACO Y . 19.79 29.90 1.69
N9A ACO Y . 19.93 30.52 2.90
C1B ACO Y . 20.99 31.43 3.32
C2B ACO Y . 22.38 30.80 3.35
O2B ACO Y . 22.64 30.26 4.64
C3B ACO Y . 23.26 32.02 3.11
O3B ACO Y . 23.38 32.79 4.33
P3B ACO Y . 24.75 33.11 5.09
O7A ACO Y . 25.67 33.90 4.22
O8A ACO Y . 24.36 33.86 6.38
O9A ACO Y . 25.34 31.74 5.49
C4B ACO Y . 22.43 32.84 2.10
O4B ACO Y . 21.06 32.49 2.37
C5B ACO Y . 22.74 32.55 0.65
O5B ACO Y . 22.63 31.15 0.42
P1A ACO Y . 22.79 30.56 -1.08
O1A ACO Y . 22.91 31.65 -2.07
O2A ACO Y . 21.62 29.60 -1.33
O3A ACO Y . 24.12 29.68 -1.01
P2A ACO Y . 25.47 29.79 -0.17
O4A ACO Y . 26.61 29.24 -0.95
O5A ACO Y . 25.63 31.25 0.24
O6A ACO Y . 25.21 28.95 1.18
CCP ACO Y . 26.38 28.50 1.88
H2A ACO Y . 17.13 30.11 6.34
H61A ACO Y . 15.29 27.53 3.14
H62A ACO Y . 16.31 27.62 1.75
H8A ACO Y . 20.50 30.03 0.88
H1B ACO Y . 20.70 31.87 4.27
H2B ACO Y . 22.55 30.03 2.59
HO2A ACO Y . 22.30 29.32 4.65
H3B ACO Y . 24.25 31.78 2.74
HOA8 ACO Y . 24.88 34.65 6.65
HOA9 ACO Y . 25.67 31.47 6.39
H4B ACO Y . 22.48 33.90 2.32
H51A ACO Y . 23.74 32.83 0.34
H52A ACO Y . 22.06 33.03 -0.06
HOA2 ACO Y . 21.44 29.22 -2.22
HOA5 ACO Y . 26.25 31.96 -0.08
P PO4 Z . 4.01 19.38 -3.94
O1 PO4 Z . 4.53 20.47 -4.86
O2 PO4 Z . 2.88 18.66 -4.63
O3 PO4 Z . 3.50 20.00 -2.66
O4 PO4 Z . 5.14 18.44 -3.62
C1 GOL AA . -14.37 18.04 25.09
O1 GOL AA . -14.50 18.70 23.85
C2 GOL AA . -13.21 17.03 24.94
O2 GOL AA . -12.85 16.48 26.18
C3 GOL AA . -13.72 15.95 23.93
O3 GOL AA . -14.71 15.21 24.59
H11 GOL AA . -15.19 17.55 25.33
H12 GOL AA . -14.19 18.64 25.82
HO1 GOL AA . -15.32 18.66 23.63
H2 GOL AA . -12.41 17.46 24.60
HO2 GOL AA . -13.27 15.76 26.28
H31 GOL AA . -12.96 15.41 23.65
H32 GOL AA . -14.04 16.40 23.14
HO3 GOL AA . -15.38 15.18 24.07
C1 GOL BA . -2.90 10.21 25.12
O1 GOL BA . -3.97 10.84 24.46
C2 GOL BA . -3.19 8.70 25.05
O2 GOL BA . -2.85 8.17 23.81
C3 GOL BA . -2.41 8.05 26.21
O3 GOL BA . -1.22 8.79 26.40
H11 GOL BA . -2.82 10.49 26.04
H12 GOL BA . -2.04 10.40 24.71
HO1 GOL BA . -3.82 11.68 24.50
H2 GOL BA . -4.14 8.53 25.17
HO2 GOL BA . -3.52 7.74 23.52
H31 GOL BA . -2.26 7.12 26.00
H32 GOL BA . -2.98 8.04 27.00
HO3 GOL BA . -0.81 8.41 27.05
C1 GOL CA . 1.18 22.88 -0.84
O1 GOL CA . 0.43 23.31 -1.95
C2 GOL CA . 0.20 22.17 0.11
O2 GOL CA . -0.54 21.22 -0.54
C3 GOL CA . 1.08 21.56 1.21
O3 GOL CA . 1.55 22.60 2.00
H11 GOL CA . 1.61 23.62 -0.37
H12 GOL CA . 1.90 22.27 -1.08
HO1 GOL CA . -0.26 22.83 -1.97
H2 GOL CA . -0.42 22.81 0.48
HO2 GOL CA . -0.86 20.69 0.04
H31 GOL CA . 1.80 21.05 0.78
H32 GOL CA . 0.56 20.90 1.70
HO3 GOL CA . 2.18 22.97 1.56
C1 GOL DA . -25.06 11.94 24.92
O1 GOL DA . -25.40 12.02 23.57
C2 GOL DA . -26.32 11.45 25.68
O2 GOL DA . -26.53 10.08 25.54
C3 GOL DA . -26.08 11.84 27.14
O3 GOL DA . -24.81 11.38 27.47
H11 GOL DA . -24.77 12.79 25.28
H12 GOL DA . -24.32 11.32 25.09
HO1 GOL DA . -24.93 12.64 23.24
H2 GOL DA . -27.10 11.88 25.31
HO2 GOL DA . -27.23 9.88 25.96
H31 GOL DA . -26.78 11.47 27.68
H32 GOL DA . -26.17 12.81 27.23
HO3 GOL DA . -24.66 11.60 28.27
NA NA EA . 20.22 -6.20 -23.81
NA NA FA . 4.83 37.21 4.05
#